data_2VRM
#
_entry.id   2VRM
#
_cell.length_a   130.935
_cell.length_b   222.921
_cell.length_c   86.385
_cell.angle_alpha   90.00
_cell.angle_beta   90.00
_cell.angle_gamma   90.00
#
_symmetry.space_group_name_H-M   'C 2 2 2'
#
loop_
_entity.id
_entity.type
_entity.pdbx_description
1 polymer 'AMINE OXIDASE [FLAVIN-CONTAINING] B'
2 non-polymer 'FLAVIN-ADENINE DINUCLEOTIDE'
3 non-polymer PHENYLETHANE
4 water water
#
_entity_poly.entity_id   1
_entity_poly.type   'polypeptide(L)'
_entity_poly.pdbx_seq_one_letter_code
;MSNKCDVVVVGGGISGMAAAKLLHDSGLNVVVLEARDRVGGRTYTLRNQKVKYVDLGGSYVGPTQNRILRLAKELGLETY
KVNEVERLIHHVKGKSYPFRGPFPPVWNPITYLDHNNFWRTMDDMGREIPSDAPWKAPLAEEWDNMTMKELLDKLCWTES
AKQLATLFVNLCVTAETHEVSALWFLWYVKQCGGTTRIISTTNGGQERKFVGGSGQVSERIMDLLGDRVKLERPVIYIDQ
TRENVLVETLNHEMYEAKYVISAIPPTLGMKIHFNPPLPMMRNQMITRVPLGSVIKCIVYYKEPFWRKKDYCGTMIIDGE
EAPVAYTLDDTKPEGNYAAIMGFILAHKARKLARLTKEERLKKLCELYAKVLGSLEALEPVHYEEKNWCEEQYSGGCYTT
YFPPGILTQYGRVLRQPVDRIYFAGTETATHWSGYMEGAVEAGERAAREILHAMGKIPEDEIWQSEPESVDVPAQPITTT
FLERHLPSVPGLLRLIGLTTIFSATALGFLAHKRGLLVRV
;
_entity_poly.pdbx_strand_id   A,B
#
loop_
_chem_comp.id
_chem_comp.type
_chem_comp.name
_chem_comp.formula
FAD non-polymer 'FLAVIN-ADENINE DINUCLEOTIDE' 'C27 H33 N9 O15 P2'
PYJ non-polymer PHENYLETHANE 'C8 H10'
#
# COMPACT_ATOMS: atom_id res chain seq x y z
N ASN A 3 32.76 -4.83 11.73
CA ASN A 3 32.78 -5.89 10.66
C ASN A 3 32.13 -7.23 11.06
N LYS A 4 32.93 -8.17 11.56
CA LYS A 4 32.53 -9.57 11.62
C LYS A 4 31.78 -9.96 12.90
N CYS A 5 30.73 -10.75 12.73
CA CYS A 5 29.87 -11.25 13.82
C CYS A 5 29.06 -12.43 13.30
N ASP A 6 28.30 -13.08 14.19
CA ASP A 6 27.45 -14.18 13.78
C ASP A 6 26.13 -13.70 13.19
N VAL A 7 25.50 -12.72 13.85
CA VAL A 7 24.20 -12.19 13.42
C VAL A 7 24.10 -10.67 13.47
N VAL A 8 23.83 -10.05 12.33
CA VAL A 8 23.46 -8.64 12.29
C VAL A 8 21.95 -8.58 12.49
N VAL A 9 21.53 -7.74 13.44
CA VAL A 9 20.12 -7.44 13.63
C VAL A 9 19.89 -6.04 13.11
N VAL A 10 18.95 -5.91 12.17
CA VAL A 10 18.60 -4.60 11.63
C VAL A 10 17.37 -4.06 12.38
N GLY A 11 17.57 -2.97 13.11
CA GLY A 11 16.52 -2.40 13.93
C GLY A 11 16.69 -2.69 15.42
N GLY A 12 16.74 -1.62 16.22
CA GLY A 12 16.84 -1.71 17.67
C GLY A 12 15.57 -1.35 18.42
N GLY A 13 14.42 -1.76 17.88
CA GLY A 13 13.16 -1.61 18.60
C GLY A 13 13.07 -2.80 19.52
N ILE A 14 11.93 -2.96 20.19
CA ILE A 14 11.77 -4.08 21.11
C ILE A 14 12.02 -5.44 20.44
N SER A 15 11.48 -5.63 19.23
CA SER A 15 11.67 -6.92 18.56
C SER A 15 13.15 -7.24 18.28
N GLY A 16 13.88 -6.28 17.71
CA GLY A 16 15.30 -6.43 17.43
C GLY A 16 16.15 -6.58 18.69
N MET A 17 15.83 -5.81 19.73
CA MET A 17 16.56 -5.92 20.99
C MET A 17 16.28 -7.26 21.69
N ALA A 18 15.04 -7.73 21.64
CA ALA A 18 14.70 -9.06 22.18
C ALA A 18 15.44 -10.18 21.44
N ALA A 19 15.53 -10.05 20.12
CA ALA A 19 16.25 -11.04 19.30
C ALA A 19 17.74 -11.03 19.65
N ALA A 20 18.32 -9.83 19.72
CA ALA A 20 19.73 -9.70 19.99
C ALA A 20 20.05 -10.24 21.38
N LYS A 21 19.24 -9.89 22.37
CA LYS A 21 19.42 -10.43 23.71
C LYS A 21 19.44 -11.95 23.69
N LEU A 22 18.46 -12.57 23.04
CA LEU A 22 18.36 -14.03 23.06
C LEU A 22 19.63 -14.68 22.45
N LEU A 23 20.06 -14.13 21.32
CA LEU A 23 21.22 -14.64 20.60
C LEU A 23 22.48 -14.45 21.44
N HIS A 24 22.61 -13.28 22.04
CA HIS A 24 23.73 -12.92 22.89
C HIS A 24 23.77 -13.86 24.09
N ASP A 25 22.62 -14.11 24.71
CA ASP A 25 22.54 -15.01 25.88
C ASP A 25 22.91 -16.46 25.56
N SER A 26 22.80 -16.82 24.28
CA SER A 26 23.17 -18.14 23.81
C SER A 26 24.64 -18.24 23.40
N GLY A 27 25.37 -17.13 23.42
CA GLY A 27 26.82 -17.19 23.13
C GLY A 27 27.27 -16.68 21.77
N LEU A 28 26.31 -16.22 20.97
CA LEU A 28 26.64 -15.70 19.64
C LEU A 28 27.05 -14.25 19.73
N ASN A 29 27.92 -13.85 18.80
CA ASN A 29 28.30 -12.46 18.62
C ASN A 29 27.31 -11.77 17.71
N VAL A 30 26.65 -10.77 18.26
CA VAL A 30 25.59 -10.07 17.55
C VAL A 30 25.90 -8.58 17.50
N VAL A 31 25.46 -7.96 16.42
CA VAL A 31 25.47 -6.51 16.29
C VAL A 31 24.02 -6.10 16.00
N VAL A 32 23.61 -5.01 16.62
CA VAL A 32 22.33 -4.36 16.32
C VAL A 32 22.64 -3.05 15.58
N LEU A 33 22.08 -2.91 14.39
CA LEU A 33 22.25 -1.70 13.58
C LEU A 33 20.95 -0.90 13.61
N GLU A 34 21.02 0.26 14.23
CA GLU A 34 19.83 1.05 14.49
C GLU A 34 19.96 2.35 13.74
N ALA A 35 18.94 2.67 12.94
CA ALA A 35 18.95 3.89 12.12
C ALA A 35 19.04 5.17 12.94
N ARG A 36 18.25 5.25 14.02
CA ARG A 36 18.12 6.48 14.82
C ARG A 36 19.27 6.66 15.82
N ASP A 37 19.32 7.85 16.44
CA ASP A 37 20.25 8.13 17.54
C ASP A 37 19.73 7.58 18.89
N ARG A 38 18.74 6.69 18.85
CA ARG A 38 18.18 6.06 20.04
C ARG A 38 17.63 4.67 19.69
N VAL A 39 17.44 3.84 20.72
CA VAL A 39 16.73 2.58 20.59
C VAL A 39 15.24 2.74 20.99
N GLY A 40 14.44 1.71 20.75
CA GLY A 40 13.01 1.71 21.13
C GLY A 40 12.01 1.75 19.99
N GLY A 41 12.35 2.43 18.90
CA GLY A 41 11.51 2.51 17.71
C GLY A 41 10.15 3.13 17.94
N ARG A 42 9.11 2.32 17.85
CA ARG A 42 7.75 2.83 18.04
C ARG A 42 7.38 2.99 19.54
N THR A 43 8.32 2.65 20.41
CA THR A 43 8.22 3.05 21.82
C THR A 43 9.24 4.11 22.05
N TYR A 44 8.84 5.15 22.77
CA TYR A 44 9.70 6.29 23.02
C TYR A 44 9.28 6.97 24.32
N THR A 45 10.14 6.91 25.32
CA THR A 45 9.89 7.63 26.59
C THR A 45 10.65 8.96 26.68
N LEU A 46 9.90 10.06 26.71
CA LEU A 46 10.48 11.37 26.93
C LEU A 46 10.58 11.65 28.43
N ARG A 47 11.77 12.08 28.86
CA ARG A 47 11.97 12.62 30.22
C ARG A 47 12.29 14.11 30.19
N ASN A 48 11.55 14.86 31.00
CA ASN A 48 11.86 16.24 31.36
C ASN A 48 11.21 16.50 32.72
N GLN A 49 11.52 17.64 33.32
CA GLN A 49 11.10 17.95 34.68
C GLN A 49 9.58 18.17 34.78
N LYS A 50 8.97 18.60 33.68
CA LYS A 50 7.53 18.87 33.65
C LYS A 50 6.66 17.63 33.69
N VAL A 51 7.13 16.54 33.07
CA VAL A 51 6.33 15.31 32.99
C VAL A 51 6.93 14.16 33.81
N LYS A 52 8.19 14.34 34.20
CA LYS A 52 9.06 13.30 34.73
C LYS A 52 9.43 12.28 33.64
N TYR A 53 8.46 11.48 33.22
CA TYR A 53 8.61 10.61 32.06
C TYR A 53 7.22 10.50 31.42
N VAL A 54 7.20 10.28 30.11
CA VAL A 54 5.98 9.99 29.36
C VAL A 54 6.26 9.17 28.09
N ASP A 55 5.53 8.08 27.93
CA ASP A 55 5.52 7.30 26.70
C ASP A 55 4.78 8.03 25.58
N LEU A 56 5.50 8.34 24.51
CA LEU A 56 4.94 9.01 23.34
C LEU A 56 4.55 8.03 22.22
N GLY A 57 4.95 6.76 22.40
CA GLY A 57 4.59 5.68 21.49
C GLY A 57 3.94 4.57 22.29
N GLY A 58 4.30 3.32 21.99
CA GLY A 58 3.77 2.19 22.74
C GLY A 58 3.94 2.39 24.24
N SER A 59 2.94 1.92 25.00
CA SER A 59 2.90 2.16 26.46
C SER A 59 2.23 1.04 27.26
N TYR A 60 1.02 0.66 26.83
CA TYR A 60 0.13 -0.26 27.54
C TYR A 60 0.48 -1.73 27.37
N VAL A 61 0.37 -2.46 28.48
CA VAL A 61 0.51 -3.91 28.50
C VAL A 61 -0.63 -4.44 29.38
N GLY A 62 -0.98 -5.72 29.21
CA GLY A 62 -2.03 -6.29 30.04
C GLY A 62 -1.99 -7.80 30.01
N PRO A 63 -2.99 -8.43 30.64
CA PRO A 63 -3.09 -9.89 30.70
C PRO A 63 -3.04 -10.55 29.32
N THR A 64 -2.45 -11.73 29.29
CA THR A 64 -2.12 -12.52 28.10
C THR A 64 -0.91 -12.00 27.31
N GLN A 65 -0.31 -10.88 27.73
CA GLN A 65 0.93 -10.42 27.09
C GLN A 65 2.13 -10.85 27.92
N ASN A 66 2.35 -12.17 27.96
CA ASN A 66 3.27 -12.76 28.92
C ASN A 66 4.74 -12.61 28.58
N ARG A 67 5.05 -12.50 27.29
CA ARG A 67 6.45 -12.35 26.83
C ARG A 67 7.02 -10.97 27.16
N ILE A 68 6.30 -9.91 26.80
CA ILE A 68 6.75 -8.56 27.19
C ILE A 68 6.85 -8.45 28.72
N LEU A 69 5.85 -8.98 29.44
CA LEU A 69 5.84 -8.91 30.88
C LEU A 69 7.09 -9.60 31.48
N ARG A 70 7.39 -10.81 31.00
CA ARG A 70 8.56 -11.57 31.46
C ARG A 70 9.88 -10.87 31.11
N LEU A 71 9.98 -10.36 29.88
CA LEU A 71 11.18 -9.62 29.44
C LEU A 71 11.40 -8.41 30.32
N ALA A 72 10.36 -7.61 30.48
CA ALA A 72 10.45 -6.38 31.28
C ALA A 72 10.80 -6.66 32.76
N LYS A 73 10.18 -7.68 33.33
CA LYS A 73 10.44 -8.04 34.72
C LYS A 73 11.89 -8.52 34.91
N GLU A 74 12.42 -9.26 33.95
CA GLU A 74 13.84 -9.65 33.97
C GLU A 74 14.78 -8.46 33.88
N LEU A 75 14.33 -7.40 33.21
CA LEU A 75 15.09 -6.17 33.09
C LEU A 75 14.96 -5.32 34.35
N GLY A 76 14.16 -5.77 35.30
CA GLY A 76 13.98 -5.05 36.57
C GLY A 76 12.92 -3.97 36.54
N LEU A 77 11.98 -4.09 35.62
CA LEU A 77 10.88 -3.12 35.45
C LEU A 77 9.63 -3.50 36.26
N GLU A 78 8.86 -2.48 36.66
CA GLU A 78 7.59 -2.66 37.40
C GLU A 78 6.46 -2.16 36.52
N THR A 79 5.26 -2.75 36.65
CA THR A 79 4.04 -2.19 36.05
C THR A 79 3.14 -1.56 37.12
N TYR A 80 2.26 -0.68 36.66
CA TYR A 80 1.17 -0.19 37.48
C TYR A 80 -0.13 -0.12 36.66
N LYS A 81 -1.25 -0.13 37.36
CA LYS A 81 -2.55 -0.17 36.74
C LYS A 81 -3.03 1.20 36.27
N VAL A 82 -3.44 1.28 35.02
CA VAL A 82 -4.11 2.47 34.50
C VAL A 82 -5.38 2.71 35.35
N ASN A 83 -5.63 3.97 35.70
CA ASN A 83 -6.83 4.34 36.45
C ASN A 83 -8.13 3.99 35.75
N GLU A 84 -8.88 3.06 36.33
CA GLU A 84 -10.23 2.78 35.87
C GLU A 84 -11.22 2.64 37.06
N VAL A 85 -10.89 3.26 38.19
CA VAL A 85 -11.73 3.20 39.38
C VAL A 85 -13.10 3.85 39.14
N GLU A 86 -13.11 5.08 38.64
CA GLU A 86 -14.38 5.82 38.50
C GLU A 86 -15.07 5.55 37.14
N ARG A 87 -16.08 6.35 36.81
CA ARG A 87 -16.90 6.09 35.61
C ARG A 87 -16.19 6.40 34.28
N LEU A 88 -16.45 5.57 33.27
CA LEU A 88 -16.04 5.82 31.89
C LEU A 88 -17.05 6.75 31.26
N ILE A 89 -16.69 7.42 30.18
CA ILE A 89 -17.64 8.28 29.50
C ILE A 89 -17.79 7.88 28.03
N HIS A 90 -19.04 7.78 27.58
CA HIS A 90 -19.35 7.66 26.17
C HIS A 90 -20.00 8.97 25.74
N HIS A 91 -19.29 9.71 24.91
CA HIS A 91 -19.80 10.98 24.43
C HIS A 91 -20.29 10.73 23.01
N VAL A 92 -21.58 10.98 22.81
CA VAL A 92 -22.20 10.72 21.52
C VAL A 92 -23.31 11.75 21.24
N LYS A 93 -23.22 12.36 20.06
CA LYS A 93 -24.13 13.42 19.61
C LYS A 93 -24.07 14.62 20.55
N GLY A 94 -22.87 15.04 20.89
CA GLY A 94 -22.66 16.18 21.78
C GLY A 94 -23.01 16.02 23.24
N LYS A 95 -23.26 14.79 23.71
CA LYS A 95 -23.69 14.55 25.10
C LYS A 95 -22.91 13.40 25.74
N SER A 96 -22.66 13.52 27.03
CA SER A 96 -21.90 12.51 27.77
C SER A 96 -22.77 11.55 28.58
N TYR A 97 -22.45 10.27 28.48
CA TYR A 97 -23.16 9.23 29.20
C TYR A 97 -22.16 8.43 29.99
N PRO A 98 -22.04 8.73 31.30
CA PRO A 98 -21.12 7.99 32.18
C PRO A 98 -21.55 6.55 32.30
N PHE A 99 -20.59 5.66 32.50
CA PHE A 99 -20.90 4.26 32.72
C PHE A 99 -19.78 3.54 33.44
N ARG A 100 -20.13 2.49 34.17
CA ARG A 100 -19.12 1.60 34.73
C ARG A 100 -19.04 0.39 33.84
N GLY A 101 -18.01 -0.42 34.04
CA GLY A 101 -17.87 -1.65 33.27
C GLY A 101 -17.26 -1.32 31.93
N PRO A 102 -16.81 -2.34 31.21
CA PRO A 102 -15.99 -2.22 29.99
C PRO A 102 -16.73 -1.58 28.81
N PHE A 103 -18.01 -1.95 28.65
CA PHE A 103 -18.80 -1.62 27.47
C PHE A 103 -19.85 -0.56 27.82
N PRO A 104 -20.07 0.43 26.93
CA PRO A 104 -21.16 1.39 27.16
C PRO A 104 -22.54 0.70 27.06
N PRO A 105 -23.46 1.01 27.99
CA PRO A 105 -24.77 0.34 27.96
C PRO A 105 -25.69 0.82 26.82
N VAL A 106 -26.46 -0.11 26.26
CA VAL A 106 -27.36 0.18 25.16
C VAL A 106 -28.77 -0.18 25.62
N TRP A 107 -29.65 0.82 25.63
CA TRP A 107 -30.99 0.65 26.18
C TRP A 107 -32.07 0.24 25.18
N ASN A 108 -32.08 0.86 24.01
CA ASN A 108 -33.04 0.51 22.97
C ASN A 108 -32.91 -0.96 22.56
N PRO A 109 -33.96 -1.78 22.77
CA PRO A 109 -33.86 -3.19 22.43
C PRO A 109 -33.42 -3.55 21.00
N ILE A 110 -33.82 -2.78 19.98
CA ILE A 110 -33.36 -3.06 18.59
C ILE A 110 -31.85 -2.80 18.52
N THR A 111 -31.45 -1.58 18.89
CA THR A 111 -30.06 -1.16 18.95
C THR A 111 -29.24 -2.16 19.78
N TYR A 112 -29.81 -2.60 20.90
CA TYR A 112 -29.15 -3.57 21.77
C TYR A 112 -28.89 -4.89 21.04
N LEU A 113 -29.90 -5.39 20.34
CA LEU A 113 -29.73 -6.60 19.53
C LEU A 113 -28.64 -6.43 18.47
N ASP A 114 -28.59 -5.24 17.86
CA ASP A 114 -27.67 -4.95 16.78
C ASP A 114 -26.24 -4.86 17.30
N HIS A 115 -26.04 -4.12 18.40
CA HIS A 115 -24.74 -4.02 19.06
C HIS A 115 -24.24 -5.40 19.50
N ASN A 116 -25.10 -6.14 20.19
CA ASN A 116 -24.74 -7.47 20.70
C ASN A 116 -24.30 -8.43 19.59
N ASN A 117 -25.02 -8.40 18.47
CA ASN A 117 -24.72 -9.25 17.34
C ASN A 117 -23.45 -8.83 16.61
N PHE A 118 -23.21 -7.54 16.49
CA PHE A 118 -21.97 -7.09 15.86
C PHE A 118 -20.72 -7.68 16.55
N TRP A 119 -20.55 -7.40 17.84
CA TRP A 119 -19.36 -7.84 18.56
C TRP A 119 -19.23 -9.36 18.56
N ARG A 120 -20.37 -10.04 18.67
CA ARG A 120 -20.42 -11.48 18.71
C ARG A 120 -19.99 -12.06 17.36
N THR A 121 -20.50 -11.46 16.27
CA THR A 121 -20.17 -11.88 14.90
C THR A 121 -18.69 -11.68 14.59
N MET A 122 -18.13 -10.54 14.99
CA MET A 122 -16.70 -10.31 14.90
C MET A 122 -15.87 -11.43 15.54
N ASP A 123 -16.29 -11.88 16.72
CA ASP A 123 -15.59 -12.94 17.42
C ASP A 123 -15.86 -14.28 16.72
N ASP A 124 -17.10 -14.51 16.29
CA ASP A 124 -17.47 -15.71 15.53
C ASP A 124 -16.59 -15.86 14.29
N MET A 125 -16.45 -14.78 13.54
CA MET A 125 -15.65 -14.79 12.33
C MET A 125 -14.19 -15.02 12.68
N GLY A 126 -13.74 -14.44 13.78
CA GLY A 126 -12.37 -14.63 14.24
C GLY A 126 -11.97 -16.07 14.49
N ARG A 127 -12.89 -16.85 15.07
CA ARG A 127 -12.63 -18.27 15.37
C ARG A 127 -12.37 -19.11 14.14
N GLU A 128 -12.79 -18.62 12.97
CA GLU A 128 -12.51 -19.33 11.73
C GLU A 128 -11.13 -19.00 11.14
N ILE A 129 -10.42 -18.07 11.79
CA ILE A 129 -9.16 -17.55 11.24
C ILE A 129 -7.95 -18.03 12.04
N PRO A 130 -7.14 -18.92 11.45
CA PRO A 130 -5.92 -19.35 12.16
C PRO A 130 -5.02 -18.15 12.43
N SER A 131 -4.55 -18.03 13.67
CA SER A 131 -3.63 -16.95 14.07
C SER A 131 -2.36 -16.94 13.26
N ASP A 132 -1.82 -18.11 12.96
CA ASP A 132 -0.55 -18.23 12.27
C ASP A 132 -0.64 -18.20 10.74
N ALA A 133 -1.86 -18.18 10.24
CA ALA A 133 -2.08 -18.31 8.81
C ALA A 133 -3.50 -17.84 8.51
N PRO A 134 -3.75 -16.53 8.64
CA PRO A 134 -5.10 -15.99 8.38
C PRO A 134 -5.65 -16.30 6.98
N TRP A 135 -4.76 -16.34 5.98
CA TRP A 135 -5.11 -16.69 4.61
C TRP A 135 -5.69 -18.11 4.47
N LYS A 136 -5.67 -18.90 5.54
CA LYS A 136 -6.23 -20.26 5.51
C LYS A 136 -7.67 -20.35 6.01
N ALA A 137 -8.23 -19.21 6.44
CA ALA A 137 -9.63 -19.14 6.82
C ALA A 137 -10.46 -19.65 5.64
N PRO A 138 -11.51 -20.47 5.91
CA PRO A 138 -12.35 -21.02 4.85
C PRO A 138 -12.87 -19.97 3.87
N LEU A 139 -13.24 -18.79 4.35
CA LEU A 139 -13.72 -17.70 3.53
C LEU A 139 -12.70 -16.56 3.45
N ALA A 140 -11.41 -16.94 3.47
CA ALA A 140 -10.31 -15.96 3.43
C ALA A 140 -10.49 -14.95 2.29
N GLU A 141 -10.69 -15.44 1.07
CA GLU A 141 -10.74 -14.56 -0.11
C GLU A 141 -11.91 -13.59 -0.07
N GLU A 142 -13.09 -14.14 0.13
CA GLU A 142 -14.32 -13.36 0.27
C GLU A 142 -14.17 -12.25 1.32
N TRP A 143 -13.62 -12.60 2.49
CA TRP A 143 -13.42 -11.61 3.55
C TRP A 143 -12.30 -10.63 3.22
N ASP A 144 -11.26 -11.11 2.52
CA ASP A 144 -10.13 -10.24 2.16
C ASP A 144 -10.46 -9.26 1.05
N ASN A 145 -11.46 -9.60 0.21
CA ASN A 145 -11.84 -8.77 -0.92
C ASN A 145 -12.83 -7.64 -0.57
N MET A 146 -13.16 -7.54 0.73
CA MET A 146 -14.07 -6.58 1.32
C MET A 146 -13.28 -5.67 2.24
N THR A 147 -13.66 -4.40 2.32
CA THR A 147 -13.13 -3.56 3.39
C THR A 147 -13.94 -3.80 4.69
N MET A 148 -13.41 -3.32 5.81
CA MET A 148 -14.17 -3.32 7.06
C MET A 148 -15.46 -2.49 6.91
N LYS A 149 -15.40 -1.43 6.11
CA LYS A 149 -16.54 -0.55 5.84
C LYS A 149 -17.72 -1.33 5.21
N GLU A 150 -17.43 -2.15 4.20
CA GLU A 150 -18.42 -3.05 3.63
C GLU A 150 -18.93 -4.07 4.66
N LEU A 151 -18.04 -4.65 5.46
CA LEU A 151 -18.50 -5.58 6.50
C LEU A 151 -19.43 -4.90 7.50
N LEU A 152 -19.04 -3.72 8.01
CA LEU A 152 -19.94 -2.92 8.86
C LEU A 152 -21.28 -2.58 8.23
N ASP A 153 -21.26 -2.18 6.95
CA ASP A 153 -22.49 -1.87 6.21
C ASP A 153 -23.44 -3.08 6.13
N LYS A 154 -22.90 -4.29 5.96
CA LYS A 154 -23.72 -5.50 5.91
C LYS A 154 -24.27 -5.92 7.28
N LEU A 155 -23.43 -5.82 8.31
CA LEU A 155 -23.75 -6.34 9.63
C LEU A 155 -24.63 -5.47 10.50
N CYS A 156 -24.37 -4.16 10.47
CA CYS A 156 -25.00 -3.22 11.39
C CYS A 156 -26.27 -2.67 10.80
N TRP A 157 -27.39 -3.06 11.40
CA TRP A 157 -28.70 -2.56 11.01
C TRP A 157 -29.08 -1.25 11.70
N THR A 158 -28.23 -0.78 12.60
CA THR A 158 -28.40 0.55 13.21
C THR A 158 -27.17 1.44 13.00
N GLU A 159 -27.38 2.74 12.82
CA GLU A 159 -26.28 3.69 12.70
C GLU A 159 -25.43 3.72 13.97
N SER A 160 -26.09 3.52 15.10
CA SER A 160 -25.45 3.55 16.40
C SER A 160 -24.37 2.47 16.55
N ALA A 161 -24.69 1.27 16.09
CA ALA A 161 -23.71 0.19 16.10
C ALA A 161 -22.61 0.45 15.08
N LYS A 162 -22.98 0.98 13.90
CA LYS A 162 -22.02 1.28 12.85
C LYS A 162 -21.01 2.37 13.29
N GLN A 163 -21.53 3.43 13.92
CA GLN A 163 -20.71 4.51 14.48
C GLN A 163 -19.69 3.99 15.50
N LEU A 164 -20.14 3.15 16.41
CA LEU A 164 -19.26 2.62 17.46
C LEU A 164 -18.22 1.64 16.91
N ALA A 165 -18.67 0.77 16.01
CA ALA A 165 -17.83 -0.18 15.31
C ALA A 165 -16.73 0.54 14.55
N THR A 166 -17.09 1.66 13.93
CA THR A 166 -16.15 2.49 13.16
C THR A 166 -15.06 3.05 14.07
N LEU A 167 -15.47 3.56 15.22
CA LEU A 167 -14.55 4.12 16.20
C LEU A 167 -13.63 3.01 16.72
N PHE A 168 -14.20 1.85 16.99
CA PHE A 168 -13.43 0.66 17.37
C PHE A 168 -12.32 0.32 16.37
N VAL A 169 -12.64 0.33 15.07
CA VAL A 169 -11.64 0.05 14.04
C VAL A 169 -10.60 1.16 14.01
N ASN A 170 -11.05 2.44 13.93
CA ASN A 170 -10.12 3.58 13.95
C ASN A 170 -9.15 3.44 15.13
N LEU A 171 -9.67 3.11 16.31
CA LEU A 171 -8.86 3.07 17.52
C LEU A 171 -7.85 1.91 17.51
N CYS A 172 -8.30 0.71 17.15
CA CYS A 172 -7.44 -0.48 17.17
C CYS A 172 -6.29 -0.46 16.17
N VAL A 173 -6.54 0.12 14.98
CA VAL A 173 -5.60 -0.01 13.85
C VAL A 173 -5.27 1.34 13.18
N THR A 174 -5.71 2.45 13.78
CA THR A 174 -5.36 3.82 13.32
C THR A 174 -5.52 3.98 11.81
N ALA A 175 -6.63 3.46 11.33
CA ALA A 175 -6.90 3.48 9.92
C ALA A 175 -8.42 3.56 9.78
N GLU A 176 -8.87 4.00 8.60
CA GLU A 176 -10.29 4.10 8.32
C GLU A 176 -10.84 2.74 7.95
N THR A 177 -12.11 2.52 8.23
CA THR A 177 -12.75 1.25 7.91
C THR A 177 -12.63 0.89 6.43
N HIS A 178 -12.69 1.90 5.57
CA HIS A 178 -12.65 1.68 4.13
C HIS A 178 -11.23 1.44 3.59
N GLU A 179 -10.22 1.57 4.46
CA GLU A 179 -8.80 1.37 4.08
C GLU A 179 -8.35 -0.05 4.27
N VAL A 180 -9.00 -0.75 5.19
CA VAL A 180 -8.48 -2.04 5.65
C VAL A 180 -9.31 -3.23 5.18
N SER A 181 -8.63 -4.34 4.89
CA SER A 181 -9.26 -5.62 4.60
C SER A 181 -10.07 -6.08 5.81
N ALA A 182 -11.26 -6.65 5.55
CA ALA A 182 -12.08 -7.22 6.61
C ALA A 182 -11.39 -8.44 7.21
N LEU A 183 -10.83 -9.33 6.35
CA LEU A 183 -10.06 -10.49 6.82
C LEU A 183 -8.91 -10.10 7.76
N TRP A 184 -8.13 -9.10 7.35
CA TRP A 184 -7.01 -8.63 8.16
C TRP A 184 -7.46 -8.06 9.50
N PHE A 185 -8.51 -7.25 9.51
CA PHE A 185 -8.95 -6.68 10.78
C PHE A 185 -9.52 -7.73 11.74
N LEU A 186 -10.26 -8.70 11.18
CA LEU A 186 -10.79 -9.81 11.97
C LEU A 186 -9.71 -10.74 12.51
N TRP A 187 -8.64 -10.93 11.73
CA TRP A 187 -7.45 -11.64 12.19
C TRP A 187 -6.82 -10.86 13.32
N TYR A 188 -6.62 -9.57 13.09
CA TYR A 188 -5.93 -8.72 14.04
C TYR A 188 -6.59 -8.75 15.43
N VAL A 189 -7.93 -8.64 15.47
CA VAL A 189 -8.67 -8.70 16.72
C VAL A 189 -8.56 -10.09 17.38
N LYS A 190 -8.83 -11.12 16.59
CA LYS A 190 -8.74 -12.50 17.05
C LYS A 190 -7.36 -12.85 17.68
N GLN A 191 -6.28 -12.47 17.01
CA GLN A 191 -4.95 -12.79 17.53
C GLN A 191 -4.52 -11.93 18.74
N CYS A 192 -5.35 -10.95 19.13
CA CYS A 192 -5.20 -10.27 20.42
C CYS A 192 -6.15 -10.86 21.45
N GLY A 193 -6.80 -11.99 21.15
CA GLY A 193 -7.71 -12.63 22.11
C GLY A 193 -9.19 -12.24 22.02
N GLY A 194 -9.57 -11.50 20.97
CA GLY A 194 -10.98 -11.09 20.75
C GLY A 194 -11.33 -9.66 21.13
N THR A 195 -12.57 -9.26 20.84
CA THR A 195 -13.01 -7.88 21.01
C THR A 195 -12.86 -7.34 22.43
N THR A 196 -13.20 -8.17 23.42
CA THR A 196 -13.16 -7.76 24.82
C THR A 196 -11.71 -7.52 25.29
N ARG A 197 -10.84 -8.47 25.00
CA ARG A 197 -9.46 -8.39 25.43
C ARG A 197 -8.77 -7.21 24.78
N ILE A 198 -9.07 -6.98 23.51
CA ILE A 198 -8.39 -5.90 22.81
C ILE A 198 -8.83 -4.51 23.29
N ILE A 199 -10.11 -4.36 23.64
CA ILE A 199 -10.63 -3.06 24.09
C ILE A 199 -10.61 -2.78 25.57
N SER A 200 -10.44 -3.79 26.41
CA SER A 200 -10.55 -3.56 27.84
C SER A 200 -9.31 -2.89 28.42
N THR A 201 -9.53 -2.10 29.46
CA THR A 201 -8.47 -1.64 30.34
C THR A 201 -8.29 -2.73 31.40
N THR A 202 -9.18 -2.76 32.40
CA THR A 202 -9.19 -3.86 33.38
C THR A 202 -9.38 -5.19 32.65
N ASN A 203 -8.47 -6.14 32.88
CA ASN A 203 -8.50 -7.46 32.19
C ASN A 203 -8.24 -7.43 30.67
N GLY A 204 -7.71 -6.32 30.16
CA GLY A 204 -7.41 -6.23 28.74
C GLY A 204 -6.09 -5.57 28.37
N GLY A 205 -5.96 -5.25 27.09
CA GLY A 205 -4.71 -4.74 26.52
C GLY A 205 -4.16 -3.47 27.20
N GLN A 206 -5.05 -2.68 27.79
CA GLN A 206 -4.67 -1.37 28.34
C GLN A 206 -4.63 -1.34 29.85
N GLU A 207 -4.55 -2.52 30.47
CA GLU A 207 -4.63 -2.58 31.92
C GLU A 207 -3.49 -1.80 32.60
N ARG A 208 -2.29 -1.87 32.03
CA ARG A 208 -1.11 -1.43 32.73
C ARG A 208 -0.14 -0.67 31.84
N LYS A 209 0.72 0.15 32.47
CA LYS A 209 1.93 0.71 31.87
C LYS A 209 3.14 0.38 32.75
N PHE A 210 4.35 0.56 32.21
CA PHE A 210 5.55 0.40 32.99
C PHE A 210 5.91 1.65 33.76
N VAL A 211 6.29 1.45 35.03
CA VAL A 211 6.85 2.52 35.84
C VAL A 211 8.13 2.99 35.18
N GLY A 212 8.18 4.27 34.84
CA GLY A 212 9.37 4.84 34.21
C GLY A 212 9.33 4.85 32.69
N GLY A 213 8.36 4.17 32.09
CA GLY A 213 8.26 4.13 30.64
C GLY A 213 8.68 2.83 29.98
N SER A 214 7.99 2.48 28.90
CA SER A 214 8.29 1.30 28.10
C SER A 214 9.62 1.41 27.38
N GLY A 215 10.16 2.62 27.25
CA GLY A 215 11.41 2.82 26.56
C GLY A 215 12.54 2.08 27.27
N GLN A 216 12.39 1.91 28.58
CA GLN A 216 13.43 1.25 29.37
C GLN A 216 13.67 -0.17 28.90
N VAL A 217 12.68 -0.77 28.25
CA VAL A 217 12.87 -2.13 27.74
C VAL A 217 14.03 -2.19 26.76
N SER A 218 14.02 -1.29 25.78
CA SER A 218 15.07 -1.25 24.76
C SER A 218 16.37 -0.65 25.32
N GLU A 219 16.26 0.39 26.14
CA GLU A 219 17.42 1.03 26.75
C GLU A 219 18.20 0.02 27.61
N ARG A 220 17.48 -0.74 28.44
CA ARG A 220 18.14 -1.73 29.31
C ARG A 220 18.75 -2.89 28.55
N ILE A 221 18.13 -3.32 27.45
CA ILE A 221 18.77 -4.34 26.60
C ILE A 221 20.05 -3.77 25.93
N MET A 222 20.01 -2.51 25.50
CA MET A 222 21.20 -1.85 25.01
C MET A 222 22.31 -1.84 26.07
N ASP A 223 21.95 -1.52 27.31
CA ASP A 223 22.92 -1.54 28.43
C ASP A 223 23.60 -2.90 28.56
N LEU A 224 22.81 -3.96 28.51
CA LEU A 224 23.34 -5.33 28.56
C LEU A 224 24.26 -5.66 27.39
N LEU A 225 23.99 -5.07 26.22
CA LEU A 225 24.70 -5.44 24.98
C LEU A 225 25.94 -4.60 24.79
N GLY A 226 26.01 -3.48 25.51
CA GLY A 226 27.14 -2.58 25.44
C GLY A 226 27.35 -2.02 24.05
N ASP A 227 28.61 -2.09 23.59
CA ASP A 227 29.04 -1.48 22.34
C ASP A 227 28.52 -2.21 21.09
N ARG A 228 27.81 -3.32 21.30
CA ARG A 228 27.26 -4.12 20.20
C ARG A 228 26.10 -3.42 19.48
N VAL A 229 25.48 -2.44 20.11
CA VAL A 229 24.42 -1.64 19.48
C VAL A 229 25.01 -0.40 18.81
N LYS A 230 24.76 -0.27 17.51
CA LYS A 230 25.30 0.84 16.73
C LYS A 230 24.17 1.79 16.33
N LEU A 231 24.18 2.98 16.95
CA LEU A 231 23.19 4.00 16.68
C LEU A 231 23.61 4.82 15.48
N GLU A 232 22.60 5.41 14.82
CA GLU A 232 22.83 6.17 13.59
C GLU A 232 23.56 5.35 12.54
N ARG A 233 23.15 4.08 12.44
CA ARG A 233 23.56 3.14 11.39
C ARG A 233 22.36 2.63 10.57
N PRO A 234 21.74 3.51 9.75
CA PRO A 234 20.65 2.98 8.91
C PRO A 234 21.22 2.04 7.87
N VAL A 235 20.67 0.82 7.77
CA VAL A 235 21.08 -0.14 6.75
C VAL A 235 20.52 0.29 5.39
N ILE A 236 21.42 0.32 4.40
CA ILE A 236 21.08 0.67 3.01
C ILE A 236 21.24 -0.48 2.02
N TYR A 237 21.95 -1.53 2.41
CA TYR A 237 22.34 -2.53 1.46
C TYR A 237 22.59 -3.86 2.14
N ILE A 238 21.98 -4.91 1.58
CA ILE A 238 22.22 -6.26 2.03
C ILE A 238 22.62 -7.12 0.82
N ASP A 239 23.78 -7.75 0.94
CA ASP A 239 24.36 -8.58 -0.10
C ASP A 239 24.51 -10.01 0.42
N GLN A 240 23.81 -10.95 -0.23
CA GLN A 240 23.83 -12.37 0.12
C GLN A 240 24.47 -13.24 -0.96
N THR A 241 25.14 -12.62 -1.94
CA THR A 241 25.74 -13.35 -3.07
C THR A 241 26.92 -14.23 -2.66
N ARG A 242 27.64 -13.81 -1.62
CA ARG A 242 28.85 -14.53 -1.18
C ARG A 242 28.61 -15.43 0.05
N GLU A 243 29.70 -15.90 0.66
CA GLU A 243 29.65 -16.88 1.74
C GLU A 243 29.17 -16.28 3.05
N ASN A 244 29.67 -15.08 3.37
CA ASN A 244 29.17 -14.29 4.48
C ASN A 244 28.26 -13.19 3.96
N VAL A 245 27.20 -12.90 4.71
CA VAL A 245 26.26 -11.82 4.38
C VAL A 245 26.91 -10.47 4.68
N LEU A 246 26.86 -9.57 3.70
CA LEU A 246 27.38 -8.22 3.84
C LEU A 246 26.25 -7.22 4.03
N VAL A 247 26.32 -6.48 5.15
CA VAL A 247 25.32 -5.46 5.47
C VAL A 247 26.00 -4.11 5.54
N GLU A 248 25.60 -3.21 4.63
CA GLU A 248 26.18 -1.88 4.59
C GLU A 248 25.24 -0.82 5.19
N THR A 249 25.83 0.17 5.85
CA THR A 249 25.07 1.24 6.45
C THR A 249 25.27 2.56 5.70
N LEU A 250 24.40 3.53 5.97
CA LEU A 250 24.43 4.85 5.32
C LEU A 250 25.71 5.63 5.64
N ASN A 251 26.15 5.52 6.89
CA ASN A 251 27.37 6.20 7.35
C ASN A 251 28.63 5.46 6.93
N HIS A 252 28.49 4.60 5.91
CA HIS A 252 29.62 4.00 5.18
C HIS A 252 30.37 2.89 5.92
N GLU A 253 29.65 2.09 6.71
CA GLU A 253 30.26 0.96 7.40
C GLU A 253 29.75 -0.36 6.84
N MET A 254 30.55 -1.39 6.99
CA MET A 254 30.22 -2.71 6.48
C MET A 254 30.27 -3.74 7.61
N TYR A 255 29.27 -4.61 7.64
CA TYR A 255 29.19 -5.67 8.62
C TYR A 255 29.03 -7.01 7.91
N GLU A 256 29.71 -8.00 8.46
CA GLU A 256 29.77 -9.31 7.87
C GLU A 256 29.26 -10.32 8.90
N ALA A 257 28.32 -11.16 8.49
CA ALA A 257 27.66 -12.08 9.40
C ALA A 257 27.27 -13.37 8.70
N LYS A 258 26.93 -14.38 9.50
CA LYS A 258 26.37 -15.62 8.99
C LYS A 258 24.88 -15.42 8.63
N TYR A 259 24.18 -14.63 9.45
CA TYR A 259 22.74 -14.44 9.34
C TYR A 259 22.35 -13.03 9.66
N VAL A 260 21.19 -12.63 9.16
CA VAL A 260 20.61 -11.32 9.40
C VAL A 260 19.18 -11.48 9.89
N ILE A 261 18.82 -10.70 10.90
CA ILE A 261 17.43 -10.55 11.30
C ILE A 261 16.98 -9.16 10.90
N SER A 262 15.96 -9.10 10.06
CA SER A 262 15.28 -7.86 9.72
C SER A 262 14.17 -7.61 10.75
N ALA A 263 14.36 -6.63 11.62
CA ALA A 263 13.43 -6.35 12.71
C ALA A 263 12.78 -4.94 12.57
N ILE A 264 12.57 -4.56 11.32
CA ILE A 264 11.97 -3.29 10.95
C ILE A 264 10.54 -3.55 10.40
N PRO A 265 9.66 -2.53 10.42
CA PRO A 265 8.35 -2.69 9.76
C PRO A 265 8.51 -3.13 8.31
N PRO A 266 7.70 -4.10 7.85
CA PRO A 266 7.84 -4.73 6.53
C PRO A 266 8.09 -3.76 5.36
N THR A 267 7.34 -2.66 5.30
CA THR A 267 7.51 -1.74 4.18
C THR A 267 8.83 -1.01 4.24
N LEU A 268 9.39 -0.83 5.45
CA LEU A 268 10.71 -0.17 5.56
C LEU A 268 11.86 -1.04 5.04
N GLY A 269 11.55 -2.32 4.76
CA GLY A 269 12.41 -3.15 3.93
C GLY A 269 12.77 -2.46 2.61
N MET A 270 11.90 -1.55 2.15
CA MET A 270 12.10 -0.80 0.92
C MET A 270 13.35 0.09 0.95
N LYS A 271 13.75 0.51 2.15
CA LYS A 271 14.90 1.42 2.29
C LYS A 271 16.22 0.71 2.06
N ILE A 272 16.17 -0.60 1.89
CA ILE A 272 17.36 -1.43 1.72
C ILE A 272 17.42 -1.91 0.27
N HIS A 273 18.62 -1.86 -0.31
CA HIS A 273 18.83 -2.37 -1.64
C HIS A 273 19.38 -3.77 -1.47
N PHE A 274 18.81 -4.73 -2.19
CA PHE A 274 19.14 -6.13 -2.00
C PHE A 274 19.91 -6.69 -3.17
N ASN A 275 20.89 -7.52 -2.85
CA ASN A 275 21.64 -8.28 -3.86
C ASN A 275 21.81 -9.70 -3.34
N PRO A 276 21.21 -10.70 -4.02
CA PRO A 276 20.41 -10.56 -5.25
C PRO A 276 19.04 -9.91 -4.95
N PRO A 277 18.31 -9.49 -6.00
CA PRO A 277 17.00 -8.89 -5.75
C PRO A 277 16.14 -9.80 -4.87
N LEU A 278 15.24 -9.23 -4.08
CA LEU A 278 14.26 -10.05 -3.36
C LEU A 278 13.44 -10.92 -4.32
N PRO A 279 12.97 -12.09 -3.83
CA PRO A 279 12.03 -12.86 -4.66
C PRO A 279 10.79 -12.01 -4.94
N MET A 280 10.13 -12.29 -6.07
CA MET A 280 8.98 -11.52 -6.53
C MET A 280 7.91 -11.15 -5.48
N MET A 281 7.48 -12.12 -4.68
CA MET A 281 6.38 -11.90 -3.76
C MET A 281 6.74 -10.91 -2.66
N ARG A 282 7.91 -11.08 -2.05
CA ARG A 282 8.38 -10.11 -1.06
C ARG A 282 8.66 -8.72 -1.68
N ASN A 283 9.29 -8.71 -2.85
CA ASN A 283 9.52 -7.47 -3.58
C ASN A 283 8.25 -6.60 -3.64
N GLN A 284 7.14 -7.23 -3.99
CA GLN A 284 5.87 -6.50 -4.14
C GLN A 284 5.15 -6.30 -2.80
N MET A 285 5.27 -7.27 -1.90
CA MET A 285 4.60 -7.20 -0.59
C MET A 285 4.99 -5.93 0.17
N ILE A 286 6.29 -5.62 0.17
CA ILE A 286 6.79 -4.46 0.92
C ILE A 286 6.32 -3.12 0.37
N THR A 287 5.63 -3.13 -0.77
CA THR A 287 5.10 -1.88 -1.33
C THR A 287 3.61 -1.78 -1.05
N ARG A 288 3.08 -2.84 -0.44
CA ARG A 288 1.64 -3.03 -0.26
C ARG A 288 1.17 -2.93 1.18
N VAL A 289 2.04 -2.55 2.10
CA VAL A 289 1.74 -2.72 3.53
C VAL A 289 2.04 -1.48 4.37
N PRO A 290 1.16 -0.46 4.29
CA PRO A 290 1.36 0.82 4.99
C PRO A 290 1.09 0.73 6.48
N LEU A 291 1.61 1.70 7.24
CA LEU A 291 1.28 1.81 8.67
C LEU A 291 0.23 2.89 8.84
N GLY A 292 -0.51 2.81 9.94
CA GLY A 292 -1.59 3.75 10.22
C GLY A 292 -1.08 5.12 10.63
N SER A 293 -2.03 6.01 10.89
CA SER A 293 -1.73 7.40 11.17
C SER A 293 -2.26 7.80 12.54
N VAL A 294 -1.38 8.34 13.37
CA VAL A 294 -1.79 8.72 14.72
C VAL A 294 -0.88 9.81 15.30
N ILE A 295 -1.48 10.72 16.07
CA ILE A 295 -0.77 11.65 16.93
C ILE A 295 -1.14 11.26 18.37
N LYS A 296 -0.14 10.96 19.20
CA LYS A 296 -0.42 10.70 20.60
C LYS A 296 -0.20 11.96 21.36
N CYS A 297 -1.22 12.36 22.12
CA CYS A 297 -1.23 13.66 22.82
C CYS A 297 -1.49 13.52 24.34
N ILE A 298 -0.66 14.20 25.12
CA ILE A 298 -0.84 14.20 26.57
C ILE A 298 -0.97 15.63 27.13
N VAL A 299 -2.11 15.90 27.75
CA VAL A 299 -2.39 17.21 28.35
C VAL A 299 -2.28 17.05 29.88
N TYR A 300 -1.45 17.88 30.49
CA TYR A 300 -1.18 17.85 31.92
C TYR A 300 -2.02 18.89 32.64
N TYR A 301 -2.47 18.51 33.84
CA TYR A 301 -3.25 19.39 34.69
C TYR A 301 -2.65 19.36 36.09
N LYS A 302 -2.92 20.42 36.86
CA LYS A 302 -2.49 20.49 38.25
C LYS A 302 -2.96 19.28 39.06
N GLU A 303 -4.20 18.85 38.81
CA GLU A 303 -4.81 17.73 39.52
C GLU A 303 -5.65 16.85 38.59
N PRO A 304 -5.84 15.57 38.95
CA PRO A 304 -6.71 14.71 38.17
C PRO A 304 -8.18 14.98 38.50
N PHE A 305 -8.62 16.18 38.11
CA PHE A 305 -9.86 16.77 38.59
C PHE A 305 -11.11 15.98 38.17
N TRP A 306 -10.96 15.11 37.16
CA TRP A 306 -12.06 14.31 36.62
C TRP A 306 -12.50 13.27 37.61
N ARG A 307 -11.55 12.74 38.36
CA ARG A 307 -11.86 11.81 39.46
C ARG A 307 -12.84 12.38 40.48
N LYS A 308 -12.72 13.69 40.78
CA LYS A 308 -13.63 14.34 41.75
C LYS A 308 -15.07 14.29 41.29
N LYS A 309 -15.26 14.25 39.97
CA LYS A 309 -16.59 14.17 39.37
C LYS A 309 -17.01 12.73 39.15
N ASP A 310 -16.21 11.81 39.69
CA ASP A 310 -16.41 10.37 39.54
C ASP A 310 -16.25 9.93 38.08
N TYR A 311 -15.25 10.48 37.39
CA TYR A 311 -14.83 10.02 36.08
C TYR A 311 -13.39 9.50 36.16
N CYS A 312 -13.11 8.33 35.61
CA CYS A 312 -11.73 7.80 35.65
C CYS A 312 -10.81 8.49 34.67
N GLY A 313 -11.37 9.09 33.61
CA GLY A 313 -10.58 9.76 32.60
C GLY A 313 -10.64 9.06 31.26
N THR A 314 -11.29 7.89 31.22
CA THR A 314 -11.59 7.21 29.97
C THR A 314 -12.77 7.86 29.26
N MET A 315 -12.52 8.37 28.06
CA MET A 315 -13.58 8.92 27.23
C MET A 315 -13.57 8.23 25.88
N ILE A 316 -14.77 7.81 25.44
CA ILE A 316 -15.03 7.27 24.11
C ILE A 316 -15.88 8.31 23.41
N ILE A 317 -15.27 9.01 22.46
CA ILE A 317 -15.86 10.23 21.90
C ILE A 317 -16.17 10.08 20.41
N ASP A 318 -17.46 10.01 20.10
CA ASP A 318 -17.89 9.84 18.72
C ASP A 318 -18.09 11.20 18.04
N GLY A 319 -17.95 11.23 16.73
CA GLY A 319 -18.29 12.43 15.97
C GLY A 319 -17.10 13.01 15.24
N GLU A 320 -17.37 13.60 14.07
CA GLU A 320 -16.33 14.07 13.20
C GLU A 320 -15.59 15.27 13.80
N GLU A 321 -16.32 16.05 14.57
CA GLU A 321 -15.81 17.30 15.12
C GLU A 321 -14.81 17.07 16.27
N ALA A 322 -14.88 15.93 16.93
CA ALA A 322 -13.95 15.61 17.99
C ALA A 322 -12.55 15.25 17.42
N PRO A 323 -11.53 16.04 17.76
CA PRO A 323 -10.17 15.70 17.31
C PRO A 323 -9.69 14.34 17.83
N VAL A 324 -10.09 14.00 19.05
CA VAL A 324 -9.65 12.79 19.76
C VAL A 324 -10.86 11.91 20.01
N ALA A 325 -10.79 10.63 19.63
CA ALA A 325 -11.92 9.69 19.84
C ALA A 325 -11.80 8.81 21.08
N TYR A 326 -10.60 8.79 21.68
CA TYR A 326 -10.31 7.95 22.85
C TYR A 326 -9.26 8.53 23.77
N THR A 327 -9.55 8.52 25.07
CA THR A 327 -8.62 9.00 26.07
C THR A 327 -8.48 8.00 27.19
N LEU A 328 -7.34 8.09 27.87
CA LEU A 328 -7.10 7.39 29.13
C LEU A 328 -6.43 8.35 30.12
N ASP A 329 -6.74 8.17 31.40
CA ASP A 329 -6.01 8.84 32.48
C ASP A 329 -4.53 8.41 32.38
N ASP A 330 -3.64 9.40 32.29
CA ASP A 330 -2.20 9.14 32.20
C ASP A 330 -1.43 9.70 33.42
N THR A 331 -2.16 10.01 34.49
CA THR A 331 -1.58 10.34 35.80
C THR A 331 -0.62 9.25 36.31
N LYS A 332 0.46 9.70 36.96
CA LYS A 332 1.46 8.78 37.54
C LYS A 332 0.81 7.94 38.63
N PRO A 333 1.40 6.77 38.94
CA PRO A 333 0.77 5.95 39.99
C PRO A 333 0.79 6.60 41.36
N GLU A 334 1.71 7.54 41.58
CA GLU A 334 1.77 8.30 42.83
C GLU A 334 0.62 9.31 42.93
N GLY A 335 -0.08 9.53 41.81
CA GLY A 335 -1.25 10.42 41.79
C GLY A 335 -0.88 11.83 41.40
N ASN A 336 0.38 12.04 41.05
CA ASN A 336 0.81 13.35 40.55
C ASN A 336 1.07 13.33 39.03
N TYR A 337 1.48 14.49 38.48
CA TYR A 337 1.60 14.72 37.04
C TYR A 337 0.30 14.30 36.34
N ALA A 338 -0.82 14.77 36.90
CA ALA A 338 -2.15 14.51 36.39
C ALA A 338 -2.19 14.80 34.90
N ALA A 339 -2.65 13.83 34.13
CA ALA A 339 -2.63 13.91 32.69
C ALA A 339 -3.74 13.12 32.02
N ILE A 340 -4.21 13.64 30.89
CA ILE A 340 -5.11 12.89 30.00
C ILE A 340 -4.35 12.57 28.71
N MET A 341 -4.19 11.28 28.41
CA MET A 341 -3.67 10.81 27.14
C MET A 341 -4.85 10.65 26.16
N GLY A 342 -4.69 11.20 24.96
CA GLY A 342 -5.68 11.01 23.89
C GLY A 342 -4.99 10.71 22.58
N PHE A 343 -5.66 9.96 21.71
CA PHE A 343 -5.17 9.66 20.34
C PHE A 343 -5.93 10.45 19.30
N ILE A 344 -5.21 11.07 18.36
CA ILE A 344 -5.83 11.66 17.17
C ILE A 344 -5.63 10.63 16.05
N LEU A 345 -6.75 10.10 15.53
CA LEU A 345 -6.70 8.86 14.76
C LEU A 345 -6.92 9.03 13.25
N ALA A 346 -6.10 8.31 12.46
CA ALA A 346 -6.36 8.13 11.02
C ALA A 346 -6.50 9.46 10.27
N HIS A 347 -7.61 9.68 9.53
CA HIS A 347 -7.74 10.93 8.76
C HIS A 347 -7.62 12.20 9.60
N LYS A 348 -7.92 12.13 10.90
CA LYS A 348 -7.82 13.31 11.75
C LYS A 348 -6.37 13.66 12.06
N ALA A 349 -5.51 12.64 12.11
CA ALA A 349 -4.07 12.85 12.27
C ALA A 349 -3.54 13.60 11.05
N ARG A 350 -3.93 13.17 9.85
CA ARG A 350 -3.65 13.90 8.60
C ARG A 350 -4.17 15.35 8.63
N LYS A 351 -5.46 15.52 8.91
CA LYS A 351 -6.12 16.80 8.94
C LYS A 351 -5.51 17.79 9.95
N LEU A 352 -5.33 17.35 11.19
CA LEU A 352 -4.94 18.24 12.28
C LEU A 352 -3.41 18.44 12.40
N ALA A 353 -2.64 17.63 11.70
CA ALA A 353 -1.19 17.82 11.63
C ALA A 353 -0.81 19.20 11.09
N ARG A 354 -1.70 19.80 10.29
CA ARG A 354 -1.50 21.12 9.68
C ARG A 354 -1.43 22.24 10.72
N LEU A 355 -2.13 22.04 11.83
CA LEU A 355 -2.20 23.04 12.90
C LEU A 355 -0.90 23.11 13.65
N THR A 356 -0.74 24.15 14.47
CA THR A 356 0.40 24.21 15.40
C THR A 356 0.12 23.40 16.66
N LYS A 357 1.19 23.14 17.42
CA LYS A 357 1.12 22.44 18.69
C LYS A 357 0.13 23.09 19.64
N GLU A 358 0.10 24.42 19.64
CA GLU A 358 -0.76 25.20 20.54
C GLU A 358 -2.21 25.17 20.07
N GLU A 359 -2.42 25.15 18.76
CA GLU A 359 -3.77 25.01 18.21
C GLU A 359 -4.38 23.65 18.56
N ARG A 360 -3.59 22.58 18.49
CA ARG A 360 -4.06 21.26 18.87
C ARG A 360 -4.32 21.18 20.39
N LEU A 361 -3.43 21.76 21.19
CA LEU A 361 -3.65 21.85 22.63
C LEU A 361 -5.01 22.46 22.95
N LYS A 362 -5.30 23.60 22.32
CA LYS A 362 -6.56 24.31 22.51
C LYS A 362 -7.80 23.48 22.14
N LYS A 363 -7.75 22.84 20.98
CA LYS A 363 -8.85 21.97 20.53
C LYS A 363 -9.13 20.80 21.48
N LEU A 364 -8.08 20.25 22.07
CA LEU A 364 -8.23 19.08 22.94
C LEU A 364 -8.84 19.50 24.27
N CYS A 365 -8.33 20.60 24.83
CA CYS A 365 -8.87 21.16 26.08
C CYS A 365 -10.33 21.50 25.93
N GLU A 366 -10.69 22.13 24.82
CA GLU A 366 -12.09 22.51 24.59
C GLU A 366 -13.00 21.30 24.46
N LEU A 367 -12.48 20.25 23.83
CA LEU A 367 -13.17 18.96 23.78
C LEU A 367 -13.33 18.34 25.18
N TYR A 368 -12.21 18.18 25.89
CA TYR A 368 -12.25 17.58 27.24
C TYR A 368 -13.16 18.39 28.17
N ALA A 369 -13.11 19.71 28.10
CA ALA A 369 -13.98 20.55 28.93
C ALA A 369 -15.45 20.20 28.72
N LYS A 370 -15.79 19.96 27.45
CA LYS A 370 -17.13 19.63 27.03
C LYS A 370 -17.52 18.23 27.51
N VAL A 371 -16.66 17.27 27.21
CA VAL A 371 -16.93 15.87 27.53
C VAL A 371 -16.98 15.64 29.04
N LEU A 372 -16.02 16.20 29.77
CA LEU A 372 -15.92 16.07 31.24
C LEU A 372 -16.88 17.01 31.99
N GLY A 373 -17.45 17.97 31.25
CA GLY A 373 -18.31 19.01 31.83
C GLY A 373 -17.56 19.88 32.82
N SER A 374 -16.30 20.18 32.51
CA SER A 374 -15.41 20.84 33.46
C SER A 374 -14.57 21.95 32.83
N LEU A 375 -14.80 23.18 33.31
CA LEU A 375 -13.95 24.32 32.97
C LEU A 375 -12.46 24.12 33.30
N GLU A 376 -12.17 23.33 34.34
CA GLU A 376 -10.80 23.03 34.72
C GLU A 376 -9.96 22.46 33.56
N ALA A 377 -10.63 21.77 32.63
CA ALA A 377 -9.97 21.16 31.46
C ALA A 377 -9.36 22.23 30.57
N LEU A 378 -9.78 23.47 30.78
CA LEU A 378 -9.32 24.59 29.95
C LEU A 378 -8.05 25.22 30.52
N GLU A 379 -7.52 24.63 31.61
CA GLU A 379 -6.30 25.16 32.22
C GLU A 379 -5.15 24.15 32.31
N PRO A 380 -4.62 23.72 31.15
CA PRO A 380 -3.51 22.78 31.14
C PRO A 380 -2.26 23.43 31.73
N VAL A 381 -1.38 22.64 32.35
CA VAL A 381 -0.12 23.17 32.86
C VAL A 381 1.03 22.79 31.95
N HIS A 382 0.77 21.83 31.07
CA HIS A 382 1.77 21.28 30.17
C HIS A 382 1.12 20.44 29.08
N TYR A 383 1.85 20.25 27.99
CA TYR A 383 1.37 19.50 26.83
C TYR A 383 2.56 18.82 26.17
N GLU A 384 2.41 17.53 25.83
CA GLU A 384 3.35 16.80 24.96
C GLU A 384 2.58 16.03 23.90
N GLU A 385 3.16 15.93 22.71
CA GLU A 385 2.53 15.19 21.62
C GLU A 385 3.58 14.57 20.71
N LYS A 386 3.19 13.55 19.96
CA LYS A 386 4.06 12.97 18.98
C LYS A 386 3.26 12.51 17.76
N ASN A 387 3.55 13.11 16.61
CA ASN A 387 2.99 12.67 15.34
C ASN A 387 3.85 11.61 14.70
N TRP A 388 3.42 10.36 14.80
CA TRP A 388 4.16 9.23 14.26
C TRP A 388 4.21 9.16 12.72
N CYS A 389 3.32 9.89 12.04
CA CYS A 389 3.24 9.93 10.57
C CYS A 389 4.50 10.50 9.91
N GLU A 390 5.23 11.30 10.67
CA GLU A 390 6.37 12.03 10.15
C GLU A 390 7.68 11.25 10.30
N GLU A 391 7.62 10.08 10.92
CA GLU A 391 8.80 9.27 11.20
C GLU A 391 9.29 8.42 10.03
N GLN A 392 10.41 8.85 9.44
CA GLN A 392 11.04 8.13 8.34
C GLN A 392 11.33 6.66 8.72
N TYR A 393 11.74 6.42 9.97
CA TYR A 393 12.14 5.08 10.39
C TYR A 393 11.10 4.29 11.19
N SER A 394 9.84 4.76 11.15
CA SER A 394 8.69 3.93 11.57
C SER A 394 7.67 3.80 10.43
N GLY A 395 7.37 4.92 9.78
CA GLY A 395 6.39 5.00 8.69
C GLY A 395 4.97 5.26 9.16
N GLY A 396 4.76 5.26 10.48
CA GLY A 396 3.48 5.49 11.15
C GLY A 396 3.41 4.71 12.45
N CYS A 397 2.20 4.58 13.00
CA CYS A 397 1.92 3.77 14.19
C CYS A 397 0.40 3.49 14.17
N TYR A 398 -0.08 2.47 14.89
CA TYR A 398 0.75 1.60 15.76
C TYR A 398 1.53 0.58 14.93
N THR A 399 0.89 0.12 13.87
CA THR A 399 1.38 -1.03 13.13
C THR A 399 0.96 -0.98 11.66
N THR A 400 1.32 -2.04 10.97
CA THR A 400 1.06 -2.19 9.57
C THR A 400 -0.37 -2.69 9.38
N TYR A 401 -1.14 -2.02 8.53
CA TYR A 401 -2.41 -2.59 8.13
C TYR A 401 -2.36 -3.18 6.71
N PHE A 402 -3.28 -4.08 6.40
CA PHE A 402 -3.38 -4.69 5.08
C PHE A 402 -4.65 -4.18 4.41
N PRO A 403 -4.49 -3.47 3.26
CA PRO A 403 -5.63 -3.10 2.40
C PRO A 403 -6.28 -4.34 1.77
N PRO A 404 -7.49 -4.16 1.21
CA PRO A 404 -8.14 -5.35 0.60
C PRO A 404 -7.29 -6.07 -0.44
N GLY A 405 -7.24 -7.38 -0.30
CA GLY A 405 -6.66 -8.28 -1.29
C GLY A 405 -5.24 -8.70 -0.98
N ILE A 406 -4.62 -8.00 -0.04
CA ILE A 406 -3.18 -8.12 0.15
C ILE A 406 -2.81 -9.36 0.99
N LEU A 407 -3.50 -9.56 2.11
CA LEU A 407 -3.17 -10.61 3.07
C LEU A 407 -3.28 -12.02 2.48
N THR A 408 -4.30 -12.28 1.65
CA THR A 408 -4.40 -13.58 0.97
C THR A 408 -3.35 -13.78 -0.12
N GLN A 409 -3.01 -12.72 -0.84
CA GLN A 409 -2.02 -12.82 -1.92
C GLN A 409 -0.59 -12.84 -1.42
N TYR A 410 -0.29 -12.04 -0.40
CA TYR A 410 1.10 -11.82 -0.01
C TYR A 410 1.41 -12.18 1.43
N GLY A 411 0.37 -12.49 2.21
CA GLY A 411 0.50 -12.73 3.65
C GLY A 411 1.54 -13.77 4.01
N ARG A 412 1.53 -14.89 3.31
CA ARG A 412 2.38 -16.04 3.68
C ARG A 412 3.91 -15.79 3.59
N VAL A 413 4.28 -14.64 3.04
CA VAL A 413 5.67 -14.31 2.76
C VAL A 413 6.26 -13.39 3.85
N LEU A 414 5.39 -12.83 4.70
CA LEU A 414 5.81 -11.90 5.75
C LEU A 414 7.04 -12.34 6.57
N ARG A 415 7.00 -13.56 7.12
CA ARG A 415 8.13 -14.12 7.89
C ARG A 415 8.86 -15.31 7.25
N GLN A 416 8.59 -15.53 5.98
CA GLN A 416 9.34 -16.48 5.20
C GLN A 416 10.78 -15.97 5.04
N PRO A 417 11.77 -16.76 5.52
CA PRO A 417 13.18 -16.39 5.38
C PRO A 417 13.57 -16.19 3.92
N VAL A 418 14.36 -15.17 3.67
CA VAL A 418 14.96 -15.00 2.35
C VAL A 418 16.43 -15.38 2.45
N ASP A 419 16.71 -16.64 2.09
CA ASP A 419 18.05 -17.21 2.19
C ASP A 419 18.51 -17.18 3.65
N ARG A 420 19.35 -16.20 3.99
CA ARG A 420 19.91 -16.07 5.35
C ARG A 420 19.34 -14.89 6.15
N ILE A 421 18.34 -14.22 5.56
CA ILE A 421 17.59 -13.16 6.25
C ILE A 421 16.31 -13.76 6.85
N TYR A 422 16.17 -13.55 8.16
CA TYR A 422 15.01 -13.99 8.94
C TYR A 422 14.26 -12.75 9.40
N PHE A 423 12.95 -12.86 9.56
CA PHE A 423 12.14 -11.67 9.78
C PHE A 423 11.50 -11.62 11.17
N ALA A 424 11.83 -10.57 11.91
CA ALA A 424 11.25 -10.33 13.23
C ALA A 424 10.32 -9.14 13.06
N GLY A 425 10.08 -8.38 14.14
CA GLY A 425 9.19 -7.23 14.10
C GLY A 425 7.79 -7.61 14.48
N THR A 426 7.08 -6.72 15.16
CA THR A 426 5.76 -7.10 15.70
C THR A 426 4.77 -7.58 14.62
N GLU A 427 4.94 -7.11 13.38
CA GLU A 427 4.03 -7.46 12.28
C GLU A 427 3.99 -8.96 11.97
N THR A 428 5.05 -9.67 12.35
CA THR A 428 5.22 -11.08 12.02
C THR A 428 4.78 -12.02 13.17
N ALA A 429 4.32 -11.42 14.27
CA ALA A 429 3.85 -12.20 15.43
C ALA A 429 2.53 -12.85 15.14
N THR A 430 2.21 -13.87 15.95
CA THR A 430 0.94 -14.61 15.83
C THR A 430 0.02 -14.37 17.01
N HIS A 431 0.52 -13.64 18.01
CA HIS A 431 -0.26 -13.31 19.21
C HIS A 431 0.11 -11.88 19.64
N TRP A 432 -0.87 -10.99 19.58
CA TRP A 432 -0.63 -9.55 19.77
C TRP A 432 0.36 -8.96 18.77
N SER A 433 0.33 -9.43 17.53
CA SER A 433 0.99 -8.69 16.46
C SER A 433 0.45 -7.27 16.54
N GLY A 434 1.32 -6.29 16.29
CA GLY A 434 0.99 -4.87 16.45
C GLY A 434 1.42 -4.26 17.77
N TYR A 435 1.68 -5.10 18.78
CA TYR A 435 2.03 -4.64 20.14
C TYR A 435 3.49 -4.92 20.52
N MET A 436 3.91 -4.42 21.68
CA MET A 436 5.23 -4.78 22.25
C MET A 436 5.33 -6.29 22.51
N GLU A 437 4.23 -6.88 22.96
CA GLU A 437 4.12 -8.33 23.09
C GLU A 437 4.54 -9.04 21.79
N GLY A 438 3.91 -8.66 20.68
CA GLY A 438 4.22 -9.28 19.37
C GLY A 438 5.66 -9.05 18.92
N ALA A 439 6.22 -7.91 19.29
CA ALA A 439 7.63 -7.62 19.00
C ALA A 439 8.54 -8.67 19.66
N VAL A 440 8.27 -8.97 20.93
CA VAL A 440 9.07 -9.95 21.70
C VAL A 440 8.93 -11.34 21.10
N GLU A 441 7.69 -11.75 20.84
CA GLU A 441 7.42 -13.06 20.21
C GLU A 441 8.21 -13.22 18.92
N ALA A 442 8.10 -12.22 18.04
CA ALA A 442 8.70 -12.29 16.71
C ALA A 442 10.22 -12.19 16.73
N GLY A 443 10.75 -11.32 17.59
CA GLY A 443 12.20 -11.21 17.82
C GLY A 443 12.81 -12.50 18.34
N GLU A 444 12.21 -13.06 19.38
CA GLU A 444 12.72 -14.31 19.96
C GLU A 444 12.55 -15.53 19.01
N ARG A 445 11.44 -15.56 18.28
CA ARG A 445 11.21 -16.63 17.29
C ARG A 445 12.19 -16.52 16.10
N ALA A 446 12.45 -15.32 15.63
CA ALA A 446 13.40 -15.14 14.53
C ALA A 446 14.82 -15.54 14.99
N ALA A 447 15.19 -15.16 16.22
CA ALA A 447 16.45 -15.60 16.83
C ALA A 447 16.56 -17.12 16.87
N ARG A 448 15.48 -17.80 17.27
CA ARG A 448 15.51 -19.26 17.39
C ARG A 448 15.49 -19.96 16.04
N GLU A 449 14.85 -19.36 15.04
CA GLU A 449 14.95 -19.85 13.66
C GLU A 449 16.42 -19.95 13.22
N ILE A 450 17.20 -18.95 13.59
CA ILE A 450 18.66 -18.92 13.32
C ILE A 450 19.41 -19.97 14.15
N LEU A 451 19.11 -20.05 15.44
CA LEU A 451 19.67 -21.10 16.28
C LEU A 451 19.45 -22.48 15.66
N HIS A 452 18.25 -22.74 15.14
CA HIS A 452 17.97 -24.01 14.48
C HIS A 452 18.75 -24.16 13.18
N ALA A 453 18.89 -23.09 12.41
CA ALA A 453 19.67 -23.12 11.16
C ALA A 453 21.14 -23.46 11.44
N MET A 454 21.61 -23.05 12.61
CA MET A 454 22.98 -23.36 13.03
C MET A 454 23.11 -24.73 13.69
N GLY A 455 21.98 -25.42 13.87
CA GLY A 455 21.96 -26.76 14.44
C GLY A 455 22.07 -26.76 15.96
N LYS A 456 21.87 -25.58 16.55
CA LYS A 456 21.98 -25.42 18.00
C LYS A 456 20.73 -25.85 18.77
N ILE A 457 19.57 -25.80 18.11
CA ILE A 457 18.32 -26.28 18.74
C ILE A 457 17.48 -27.12 17.77
N PRO A 458 16.64 -28.04 18.29
CA PRO A 458 15.72 -28.79 17.42
C PRO A 458 14.63 -27.91 16.83
N GLU A 459 14.06 -28.35 15.70
CA GLU A 459 13.01 -27.62 15.00
C GLU A 459 11.81 -27.26 15.89
N ASP A 460 11.46 -28.18 16.78
CA ASP A 460 10.28 -28.01 17.62
C ASP A 460 10.50 -26.96 18.71
N GLU A 461 11.67 -26.34 18.73
CA GLU A 461 11.98 -25.31 19.73
C GLU A 461 11.97 -23.88 19.18
N ILE A 462 11.77 -23.73 17.88
CA ILE A 462 11.66 -22.42 17.21
C ILE A 462 10.49 -21.61 17.79
N TRP A 463 9.32 -22.23 17.92
CA TRP A 463 8.16 -21.59 18.54
C TRP A 463 8.00 -22.11 19.96
N GLN A 464 8.04 -21.19 20.93
CA GLN A 464 8.05 -21.54 22.34
C GLN A 464 6.89 -20.88 23.04
N SER A 465 6.12 -21.69 23.78
CA SER A 465 5.02 -21.21 24.60
C SER A 465 5.56 -20.39 25.78
N GLU A 466 4.74 -19.46 26.29
CA GLU A 466 5.15 -18.61 27.41
C GLU A 466 4.31 -18.86 28.65
N PRO A 467 4.96 -19.15 29.81
CA PRO A 467 4.17 -19.30 31.05
C PRO A 467 3.46 -17.97 31.38
N GLU A 468 2.24 -18.06 31.88
CA GLU A 468 1.46 -16.90 32.27
C GLU A 468 2.14 -16.13 33.41
N SER A 469 2.10 -14.81 33.33
CA SER A 469 2.58 -13.93 34.38
C SER A 469 1.87 -14.24 35.71
N VAL A 470 2.61 -14.26 36.81
CA VAL A 470 1.98 -14.38 38.15
C VAL A 470 1.56 -13.01 38.67
N ASP A 471 2.13 -11.95 38.09
CA ASP A 471 1.85 -10.57 38.50
C ASP A 471 0.66 -9.96 37.76
N VAL A 472 0.41 -10.44 36.54
CA VAL A 472 -0.66 -9.92 35.70
C VAL A 472 -1.47 -11.10 35.15
N PRO A 473 -2.20 -11.79 36.02
CA PRO A 473 -2.87 -12.99 35.56
C PRO A 473 -4.12 -12.63 34.74
N ALA A 474 -4.53 -13.52 33.86
CA ALA A 474 -5.65 -13.28 32.99
C ALA A 474 -6.96 -13.89 33.51
N GLN A 475 -8.00 -13.08 33.62
CA GLN A 475 -9.34 -13.58 33.85
C GLN A 475 -9.87 -14.00 32.49
N PRO A 476 -10.63 -15.11 32.43
CA PRO A 476 -11.16 -15.57 31.16
C PRO A 476 -12.24 -14.62 30.63
N ILE A 477 -12.42 -14.60 29.32
CA ILE A 477 -13.47 -13.79 28.71
C ILE A 477 -14.80 -14.57 28.70
N THR A 478 -15.81 -14.04 29.37
CA THR A 478 -17.09 -14.75 29.47
C THR A 478 -18.22 -14.08 28.73
N THR A 479 -19.17 -14.89 28.25
CA THR A 479 -20.42 -14.38 27.70
C THR A 479 -21.62 -14.89 28.52
N THR A 480 -22.74 -14.19 28.42
CA THR A 480 -23.96 -14.60 29.07
C THR A 480 -24.76 -15.46 28.09
N PHE A 481 -25.78 -16.13 28.61
CA PHE A 481 -26.70 -16.92 27.79
C PHE A 481 -27.41 -16.06 26.76
N LEU A 482 -27.95 -14.92 27.20
CA LEU A 482 -28.64 -13.98 26.32
C LEU A 482 -27.69 -13.42 25.25
N GLU A 483 -26.48 -13.03 25.66
CA GLU A 483 -25.46 -12.55 24.72
C GLU A 483 -25.22 -13.52 23.56
N ARG A 484 -25.13 -14.80 23.89
CA ARG A 484 -24.92 -15.86 22.90
C ARG A 484 -26.10 -16.16 21.99
N HIS A 485 -27.32 -16.08 22.51
CA HIS A 485 -28.50 -16.55 21.78
C HIS A 485 -29.52 -15.51 21.35
N LEU A 486 -29.36 -14.26 21.80
CA LEU A 486 -30.25 -13.22 21.32
C LEU A 486 -30.07 -13.13 19.81
N PRO A 487 -31.18 -12.88 19.08
CA PRO A 487 -31.09 -12.84 17.62
C PRO A 487 -30.51 -11.50 17.15
N SER A 488 -30.01 -11.49 15.92
CA SER A 488 -29.63 -10.26 15.24
C SER A 488 -30.90 -9.51 14.87
N VAL A 489 -30.77 -8.32 14.26
CA VAL A 489 -31.94 -7.62 13.74
C VAL A 489 -32.63 -8.45 12.64
N PRO A 490 -31.89 -8.86 11.57
CA PRO A 490 -32.51 -9.70 10.54
C PRO A 490 -33.08 -11.01 11.12
N GLY A 491 -32.40 -11.57 12.12
CA GLY A 491 -32.89 -12.74 12.85
C GLY A 491 -34.25 -12.52 13.51
N LEU A 492 -34.40 -11.37 14.18
CA LEU A 492 -35.68 -10.97 14.77
C LEU A 492 -36.76 -10.81 13.70
N LEU A 493 -36.39 -10.17 12.59
CA LEU A 493 -37.31 -9.96 11.47
C LEU A 493 -37.79 -11.28 10.88
N ARG A 494 -36.84 -12.19 10.63
CA ARG A 494 -37.15 -13.53 10.12
C ARG A 494 -38.11 -14.26 11.07
N LEU A 495 -37.84 -14.11 12.37
CA LEU A 495 -38.66 -14.71 13.43
C LEU A 495 -40.07 -14.08 13.48
N ILE A 496 -40.20 -12.83 13.04
CA ILE A 496 -41.50 -12.18 12.87
C ILE A 496 -42.17 -12.68 11.58
N GLY A 497 -41.43 -12.71 10.48
CA GLY A 497 -41.90 -13.26 9.22
C GLY A 497 -42.46 -14.67 9.37
N LEU A 498 -41.72 -15.55 10.06
CA LEU A 498 -42.10 -16.95 10.26
C LEU A 498 -43.40 -17.15 11.06
N THR A 499 -43.51 -16.44 12.18
CA THR A 499 -44.73 -16.44 13.00
C THR A 499 -45.90 -15.88 12.18
N THR A 500 -45.77 -14.62 11.74
CA THR A 500 -46.76 -13.96 10.89
C THR A 500 -46.68 -14.49 9.45
N ILE A 501 -47.27 -15.67 9.23
CA ILE A 501 -47.31 -16.33 7.93
C ILE A 501 -48.40 -17.40 7.88
N ASN B 3 30.41 14.56 -9.83
CA ASN B 3 30.07 15.61 -8.82
C ASN B 3 29.10 16.71 -9.29
N LYS B 4 29.60 17.85 -9.75
CA LYS B 4 28.79 19.06 -9.84
C LYS B 4 28.06 19.22 -11.18
N CYS B 5 26.80 19.65 -11.10
CA CYS B 5 25.94 19.87 -12.26
C CYS B 5 24.78 20.73 -11.79
N ASP B 6 23.92 21.15 -12.72
CA ASP B 6 22.74 21.95 -12.40
C ASP B 6 21.58 21.11 -11.89
N VAL B 7 21.33 19.97 -12.55
CA VAL B 7 20.22 19.09 -12.20
C VAL B 7 20.60 17.60 -12.22
N VAL B 8 20.43 16.93 -11.08
CA VAL B 8 20.46 15.48 -11.06
C VAL B 8 19.06 14.96 -11.37
N VAL B 9 18.97 14.05 -12.34
CA VAL B 9 17.73 13.34 -12.61
C VAL B 9 17.88 11.92 -12.06
N VAL B 10 16.99 11.54 -11.15
CA VAL B 10 17.00 10.18 -10.62
C VAL B 10 16.04 9.30 -11.44
N GLY B 11 16.62 8.38 -12.21
CA GLY B 11 15.87 7.47 -13.06
C GLY B 11 16.00 7.76 -14.55
N GLY B 12 16.42 6.75 -15.30
CA GLY B 12 16.57 6.90 -16.75
C GLY B 12 15.53 6.17 -17.58
N GLY B 13 14.27 6.22 -17.13
CA GLY B 13 13.15 5.71 -17.91
C GLY B 13 12.79 6.82 -18.87
N ILE B 14 11.69 6.66 -19.60
CA ILE B 14 11.24 7.69 -20.51
C ILE B 14 11.05 9.04 -19.82
N SER B 15 10.46 9.05 -18.64
CA SER B 15 10.19 10.35 -18.02
C SER B 15 11.49 11.09 -17.68
N GLY B 16 12.43 10.38 -17.06
CA GLY B 16 13.73 10.93 -16.67
C GLY B 16 14.56 11.36 -17.86
N MET B 17 14.58 10.53 -18.90
CA MET B 17 15.28 10.87 -20.14
C MET B 17 14.65 12.08 -20.83
N ALA B 18 13.33 12.13 -20.92
CA ALA B 18 12.63 13.29 -21.49
C ALA B 18 12.93 14.62 -20.72
N ALA B 19 12.95 14.53 -19.38
CA ALA B 19 13.30 15.65 -18.52
C ALA B 19 14.74 16.08 -18.77
N ALA B 20 15.66 15.11 -18.79
CA ALA B 20 17.08 15.41 -18.99
C ALA B 20 17.34 16.01 -20.37
N LYS B 21 16.74 15.44 -21.41
CA LYS B 21 16.83 16.04 -22.75
C LYS B 21 16.36 17.50 -22.76
N LEU B 22 15.22 17.80 -22.15
CA LEU B 22 14.70 19.16 -22.19
C LEU B 22 15.70 20.14 -21.53
N LEU B 23 16.18 19.77 -20.34
CA LEU B 23 17.09 20.60 -19.57
C LEU B 23 18.41 20.80 -20.32
N HIS B 24 18.96 19.70 -20.85
CA HIS B 24 20.15 19.71 -21.68
C HIS B 24 20.00 20.61 -22.90
N ASP B 25 18.86 20.50 -23.60
CA ASP B 25 18.59 21.35 -24.78
C ASP B 25 18.52 22.83 -24.45
N SER B 26 18.17 23.13 -23.20
CA SER B 26 18.11 24.51 -22.69
C SER B 26 19.48 25.07 -22.25
N GLY B 27 20.51 24.23 -22.21
CA GLY B 27 21.86 24.68 -21.84
C GLY B 27 22.34 24.34 -20.44
N LEU B 28 21.52 23.60 -19.68
CA LEU B 28 21.91 23.20 -18.35
C LEU B 28 22.74 21.94 -18.37
N ASN B 29 23.59 21.81 -17.35
CA ASN B 29 24.36 20.59 -17.14
C ASN B 29 23.58 19.61 -16.29
N VAL B 30 23.26 18.46 -16.88
CA VAL B 30 22.41 17.49 -16.22
C VAL B 30 23.13 16.17 -16.10
N VAL B 31 22.85 15.47 -15.00
CA VAL B 31 23.26 14.08 -14.84
C VAL B 31 22.02 13.20 -14.60
N VAL B 32 22.01 12.04 -15.23
CA VAL B 32 20.95 11.06 -15.04
C VAL B 32 21.58 9.91 -14.28
N LEU B 33 21.03 9.63 -13.11
CA LEU B 33 21.49 8.53 -12.27
C LEU B 33 20.48 7.39 -12.37
N GLU B 34 20.91 6.30 -12.98
CA GLU B 34 20.06 5.15 -13.31
C GLU B 34 20.53 3.92 -12.53
N ALA B 35 19.62 3.30 -11.80
CA ALA B 35 19.92 2.14 -10.94
C ALA B 35 20.40 0.91 -11.70
N ARG B 36 19.79 0.65 -12.86
CA ARG B 36 20.07 -0.55 -13.66
C ARG B 36 21.28 -0.39 -14.59
N ASP B 37 21.68 -1.51 -15.19
CA ASP B 37 22.71 -1.52 -16.24
C ASP B 37 22.12 -1.17 -17.60
N ARG B 38 20.91 -0.61 -17.61
CA ARG B 38 20.27 -0.17 -18.84
C ARG B 38 19.33 1.02 -18.58
N VAL B 39 18.96 1.71 -19.65
CA VAL B 39 17.93 2.75 -19.57
C VAL B 39 16.59 2.15 -20.03
N GLY B 40 15.49 2.86 -19.79
CA GLY B 40 14.19 2.45 -20.31
C GLY B 40 13.16 2.12 -19.24
N GLY B 41 13.63 1.61 -18.11
CA GLY B 41 12.77 1.27 -16.99
C GLY B 41 11.67 0.26 -17.33
N ARG B 42 10.43 0.72 -17.28
CA ARG B 42 9.29 -0.14 -17.59
C ARG B 42 9.09 -0.42 -19.10
N THR B 43 9.90 0.23 -19.94
CA THR B 43 10.04 -0.19 -21.31
C THR B 43 11.36 -0.94 -21.42
N TYR B 44 11.36 -2.01 -22.18
CA TYR B 44 12.55 -2.80 -22.39
C TYR B 44 12.40 -3.55 -23.71
N THR B 45 13.33 -3.30 -24.64
CA THR B 45 13.32 -4.00 -25.93
C THR B 45 14.43 -5.03 -25.99
N LEU B 46 14.04 -6.31 -26.07
CA LEU B 46 14.99 -7.40 -26.25
C LEU B 46 15.27 -7.67 -27.73
N ARG B 47 16.56 -7.78 -28.06
CA ARG B 47 16.98 -8.19 -29.41
C ARG B 47 17.73 -9.51 -29.38
N ASN B 48 17.26 -10.43 -30.21
CA ASN B 48 17.97 -11.66 -30.53
C ASN B 48 17.52 -12.08 -31.91
N GLN B 49 18.21 -13.04 -32.49
CA GLN B 49 17.94 -13.45 -33.87
C GLN B 49 16.56 -14.10 -34.04
N LYS B 50 16.07 -14.76 -32.99
CA LYS B 50 14.78 -15.43 -33.05
C LYS B 50 13.59 -14.48 -33.17
N VAL B 51 13.64 -13.36 -32.46
CA VAL B 51 12.52 -12.41 -32.48
C VAL B 51 12.82 -11.14 -33.27
N LYS B 52 14.11 -10.94 -33.58
CA LYS B 52 14.67 -9.68 -34.05
C LYS B 52 14.65 -8.62 -32.95
N TYR B 53 13.48 -8.08 -32.64
CA TYR B 53 13.28 -7.23 -31.46
C TYR B 53 11.90 -7.52 -30.87
N VAL B 54 11.77 -7.40 -29.55
CA VAL B 54 10.45 -7.45 -28.90
C VAL B 54 10.37 -6.58 -27.64
N ASP B 55 9.32 -5.77 -27.56
CA ASP B 55 9.01 -5.01 -26.35
C ASP B 55 8.47 -5.93 -25.25
N LEU B 56 9.17 -5.99 -24.13
CA LEU B 56 8.77 -6.82 -23.00
C LEU B 56 8.08 -5.99 -21.92
N GLY B 57 8.13 -4.67 -22.09
CA GLY B 57 7.42 -3.74 -21.22
C GLY B 57 6.46 -2.92 -22.05
N GLY B 58 6.35 -1.63 -21.73
CA GLY B 58 5.57 -0.69 -22.55
C GLY B 58 5.92 -0.77 -24.03
N SER B 59 4.89 -0.67 -24.87
CA SER B 59 5.02 -0.89 -26.32
C SER B 59 4.08 -0.03 -27.17
N TYR B 60 2.80 0.00 -26.79
CA TYR B 60 1.72 0.62 -27.59
C TYR B 60 1.64 2.13 -27.45
N VAL B 61 1.32 2.79 -28.57
CA VAL B 61 1.02 4.22 -28.61
C VAL B 61 -0.13 4.38 -29.58
N GLY B 62 -0.84 5.48 -29.48
CA GLY B 62 -1.96 5.72 -30.35
C GLY B 62 -2.38 7.17 -30.34
N PRO B 63 -3.47 7.48 -31.03
CA PRO B 63 -4.00 8.84 -31.13
C PRO B 63 -4.24 9.48 -29.75
N THR B 64 -4.02 10.79 -29.72
CA THR B 64 -4.03 11.65 -28.52
C THR B 64 -2.76 11.52 -27.66
N GLN B 65 -1.87 10.59 -28.00
CA GLN B 65 -0.59 10.49 -27.28
C GLN B 65 0.51 11.29 -28.03
N ASN B 66 0.34 12.60 -28.06
CA ASN B 66 1.11 13.45 -28.97
C ASN B 66 2.53 13.78 -28.54
N ARG B 67 2.77 13.77 -27.23
CA ARG B 67 4.11 14.01 -26.69
C ARG B 67 5.08 12.85 -26.95
N ILE B 68 4.66 11.63 -26.65
CA ILE B 68 5.49 10.46 -27.00
C ILE B 68 5.72 10.35 -28.51
N LEU B 69 4.68 10.59 -29.29
CA LEU B 69 4.80 10.58 -30.74
C LEU B 69 5.83 11.62 -31.22
N ARG B 70 5.73 12.86 -30.74
CA ARG B 70 6.68 13.92 -31.13
C ARG B 70 8.14 13.64 -30.70
N LEU B 71 8.33 13.17 -29.47
CA LEU B 71 9.65 12.83 -28.96
C LEU B 71 10.30 11.70 -29.75
N ALA B 72 9.52 10.65 -30.01
CA ALA B 72 10.01 9.52 -30.77
C ALA B 72 10.30 9.89 -32.22
N LYS B 73 9.42 10.66 -32.87
CA LYS B 73 9.67 11.12 -34.23
C LYS B 73 10.99 11.94 -34.34
N GLU B 74 11.21 12.84 -33.39
CA GLU B 74 12.43 13.63 -33.34
C GLU B 74 13.69 12.76 -33.19
N LEU B 75 13.55 11.64 -32.49
CA LEU B 75 14.65 10.70 -32.33
C LEU B 75 14.82 9.81 -33.56
N GLY B 76 13.96 9.96 -34.56
CA GLY B 76 14.10 9.23 -35.80
C GLY B 76 13.38 7.88 -35.82
N LEU B 77 12.38 7.74 -34.95
CA LEU B 77 11.58 6.52 -34.84
C LEU B 77 10.33 6.56 -35.72
N GLU B 78 9.90 5.39 -36.18
CA GLU B 78 8.70 5.20 -37.02
C GLU B 78 7.70 4.36 -36.24
N THR B 79 6.40 4.58 -36.44
CA THR B 79 5.38 3.68 -35.91
C THR B 79 4.80 2.80 -37.03
N TYR B 80 4.18 1.69 -36.62
CA TYR B 80 3.35 0.90 -37.51
C TYR B 80 2.10 0.49 -36.74
N LYS B 81 1.08 0.08 -37.47
CA LYS B 81 -0.23 -0.26 -36.94
C LYS B 81 -0.32 -1.72 -36.47
N VAL B 82 -0.74 -1.90 -35.22
CA VAL B 82 -1.13 -3.21 -34.72
C VAL B 82 -2.21 -3.82 -35.62
N ASN B 83 -2.05 -5.11 -35.94
CA ASN B 83 -3.00 -5.79 -36.80
C ASN B 83 -4.38 -5.88 -36.20
N GLU B 84 -5.34 -5.25 -36.87
CA GLU B 84 -6.74 -5.36 -36.50
C GLU B 84 -7.62 -5.45 -37.77
N VAL B 85 -7.05 -5.97 -38.86
CA VAL B 85 -7.82 -6.13 -40.10
C VAL B 85 -8.97 -7.15 -39.94
N GLU B 86 -8.66 -8.33 -39.43
CA GLU B 86 -9.66 -9.41 -39.34
C GLU B 86 -10.50 -9.34 -38.04
N ARG B 87 -11.26 -10.39 -37.76
CA ARG B 87 -12.19 -10.37 -36.63
C ARG B 87 -11.49 -10.53 -35.28
N LEU B 88 -12.04 -9.85 -34.28
CA LEU B 88 -11.66 -10.01 -32.87
C LEU B 88 -12.40 -11.20 -32.30
N ILE B 89 -11.92 -11.74 -31.19
CA ILE B 89 -12.61 -12.86 -30.56
C ILE B 89 -12.94 -12.56 -29.11
N HIS B 90 -14.20 -12.80 -28.76
CA HIS B 90 -14.61 -12.81 -27.38
C HIS B 90 -14.87 -14.27 -27.00
N HIS B 91 -14.05 -14.78 -26.10
CA HIS B 91 -14.18 -16.14 -25.65
C HIS B 91 -14.82 -16.11 -24.27
N VAL B 92 -16.03 -16.65 -24.21
CA VAL B 92 -16.75 -16.65 -22.96
C VAL B 92 -17.48 -17.97 -22.73
N LYS B 93 -17.34 -18.48 -21.51
CA LYS B 93 -17.89 -19.78 -21.15
C LYS B 93 -17.44 -20.84 -22.15
N GLY B 94 -16.13 -20.92 -22.36
CA GLY B 94 -15.53 -21.94 -23.18
C GLY B 94 -15.84 -21.91 -24.66
N LYS B 95 -16.33 -20.77 -25.16
CA LYS B 95 -16.71 -20.66 -26.57
C LYS B 95 -16.33 -19.32 -27.20
N SER B 96 -15.94 -19.38 -28.47
CA SER B 96 -15.44 -18.22 -29.19
C SER B 96 -16.50 -17.55 -30.05
N TYR B 97 -16.59 -16.22 -29.91
CA TYR B 97 -17.56 -15.43 -30.64
C TYR B 97 -16.80 -14.34 -31.37
N PRO B 98 -16.52 -14.56 -32.66
CA PRO B 98 -15.79 -13.57 -33.43
C PRO B 98 -16.63 -12.31 -33.64
N PHE B 99 -15.98 -11.16 -33.76
CA PHE B 99 -16.70 -9.89 -33.97
C PHE B 99 -15.81 -8.79 -34.56
N ARG B 100 -16.45 -7.77 -35.13
CA ARG B 100 -15.76 -6.57 -35.60
C ARG B 100 -16.08 -5.39 -34.68
N GLY B 101 -15.26 -4.33 -34.73
CA GLY B 101 -15.45 -3.19 -33.84
C GLY B 101 -14.80 -3.40 -32.48
N PRO B 102 -14.56 -2.31 -31.73
CA PRO B 102 -13.83 -2.36 -30.47
C PRO B 102 -14.48 -3.22 -29.39
N PHE B 103 -15.82 -3.23 -29.39
CA PHE B 103 -16.61 -3.72 -28.26
C PHE B 103 -17.30 -5.03 -28.63
N PRO B 104 -17.13 -6.07 -27.79
CA PRO B 104 -17.72 -7.36 -28.10
C PRO B 104 -19.24 -7.29 -27.92
N PRO B 105 -19.99 -7.78 -28.92
CA PRO B 105 -21.46 -7.64 -28.96
C PRO B 105 -22.19 -8.44 -27.88
N VAL B 106 -23.38 -7.94 -27.52
CA VAL B 106 -24.22 -8.50 -26.48
C VAL B 106 -25.62 -8.64 -27.07
N TRP B 107 -26.21 -9.83 -26.94
CA TRP B 107 -27.48 -10.11 -27.62
C TRP B 107 -28.74 -10.18 -26.73
N ASN B 108 -28.65 -10.75 -25.52
CA ASN B 108 -29.74 -10.67 -24.55
C ASN B 108 -30.07 -9.19 -24.29
N PRO B 109 -31.38 -8.83 -24.34
CA PRO B 109 -31.81 -7.41 -24.28
C PRO B 109 -31.53 -6.71 -22.96
N ILE B 110 -31.72 -7.45 -21.88
CA ILE B 110 -31.52 -6.94 -20.55
C ILE B 110 -30.03 -6.73 -20.33
N THR B 111 -29.26 -7.75 -20.72
CA THR B 111 -27.82 -7.71 -20.76
C THR B 111 -27.29 -6.54 -21.60
N TYR B 112 -27.86 -6.32 -22.79
CA TYR B 112 -27.51 -5.16 -23.62
C TYR B 112 -27.68 -3.85 -22.85
N LEU B 113 -28.81 -3.69 -22.18
CA LEU B 113 -29.09 -2.45 -21.44
C LEU B 113 -28.06 -2.26 -20.30
N ASP B 114 -27.75 -3.37 -19.63
CA ASP B 114 -26.82 -3.39 -18.51
C ASP B 114 -25.37 -3.09 -18.90
N HIS B 115 -24.92 -3.68 -20.01
CA HIS B 115 -23.61 -3.39 -20.59
C HIS B 115 -23.51 -1.95 -21.05
N ASN B 116 -24.50 -1.50 -21.81
CA ASN B 116 -24.53 -0.14 -22.30
C ASN B 116 -24.45 0.89 -21.18
N ASN B 117 -25.18 0.63 -20.09
CA ASN B 117 -25.26 1.58 -18.97
C ASN B 117 -24.00 1.59 -18.13
N PHE B 118 -23.39 0.43 -17.99
CA PHE B 118 -22.11 0.39 -17.30
C PHE B 118 -21.04 1.30 -17.93
N TRP B 119 -20.74 1.10 -19.22
CA TRP B 119 -19.71 1.92 -19.88
C TRP B 119 -20.06 3.39 -19.86
N ARG B 120 -21.33 3.69 -20.08
CA ARG B 120 -21.81 5.06 -20.17
C ARG B 120 -21.69 5.75 -18.81
N THR B 121 -22.02 5.01 -17.74
CA THR B 121 -21.89 5.47 -16.37
C THR B 121 -20.43 5.77 -15.95
N MET B 122 -19.53 4.87 -16.32
CA MET B 122 -18.09 5.09 -16.14
C MET B 122 -17.62 6.42 -16.76
N ASP B 123 -18.07 6.70 -17.99
CA ASP B 123 -17.72 7.93 -18.65
C ASP B 123 -18.43 9.14 -18.04
N ASP B 124 -19.72 8.98 -17.70
CA ASP B 124 -20.49 10.00 -16.95
C ASP B 124 -19.76 10.39 -15.66
N MET B 125 -19.38 9.40 -14.87
CA MET B 125 -18.67 9.66 -13.61
C MET B 125 -17.35 10.36 -13.86
N GLY B 126 -16.63 9.94 -14.91
CA GLY B 126 -15.34 10.54 -15.25
C GLY B 126 -15.38 12.03 -15.58
N ARG B 127 -16.47 12.47 -16.18
CA ARG B 127 -16.68 13.90 -16.50
C ARG B 127 -16.77 14.80 -15.28
N GLU B 128 -17.03 14.23 -14.11
CA GLU B 128 -16.99 15.01 -12.86
C GLU B 128 -15.63 15.01 -12.18
N ILE B 129 -14.64 14.38 -12.81
CA ILE B 129 -13.34 14.24 -12.19
C ILE B 129 -12.28 15.08 -12.92
N PRO B 130 -11.78 16.15 -12.28
CA PRO B 130 -10.68 16.93 -12.91
C PRO B 130 -9.42 16.08 -13.09
N SER B 131 -8.88 16.08 -14.31
CA SER B 131 -7.67 15.33 -14.65
C SER B 131 -6.49 15.68 -13.79
N ASP B 132 -6.31 16.97 -13.52
CA ASP B 132 -5.18 17.47 -12.72
C ASP B 132 -5.43 17.44 -11.20
N ALA B 133 -6.64 17.08 -10.80
CA ALA B 133 -6.99 17.11 -9.37
C ALA B 133 -8.20 16.23 -9.11
N PRO B 134 -8.04 14.89 -9.24
CA PRO B 134 -9.19 14.00 -9.03
C PRO B 134 -9.82 14.14 -7.66
N TRP B 135 -9.04 14.46 -6.63
CA TRP B 135 -9.57 14.65 -5.26
C TRP B 135 -10.53 15.83 -5.16
N LYS B 136 -10.70 16.59 -6.25
CA LYS B 136 -11.66 17.71 -6.27
C LYS B 136 -13.02 17.34 -6.88
N ALA B 137 -13.16 16.09 -7.33
CA ALA B 137 -14.46 15.56 -7.77
C ALA B 137 -15.50 15.84 -6.68
N PRO B 138 -16.71 16.30 -7.07
CA PRO B 138 -17.78 16.57 -6.08
C PRO B 138 -17.97 15.45 -5.06
N LEU B 139 -17.94 14.20 -5.55
CA LEU B 139 -18.13 13.01 -4.73
C LEU B 139 -16.80 12.24 -4.53
N ALA B 140 -15.71 13.00 -4.47
CA ALA B 140 -14.39 12.40 -4.36
C ALA B 140 -14.26 11.36 -3.24
N GLU B 141 -14.68 11.71 -2.03
CA GLU B 141 -14.56 10.83 -0.86
C GLU B 141 -15.42 9.59 -0.98
N GLU B 142 -16.70 9.80 -1.27
CA GLU B 142 -17.64 8.71 -1.48
C GLU B 142 -17.10 7.68 -2.48
N TRP B 143 -16.62 8.17 -3.62
CA TRP B 143 -16.05 7.30 -4.66
C TRP B 143 -14.71 6.71 -4.26
N ASP B 144 -13.90 7.47 -3.52
CA ASP B 144 -12.61 6.97 -3.05
C ASP B 144 -12.69 5.90 -1.96
N ASN B 145 -13.79 5.91 -1.19
CA ASN B 145 -13.97 5.01 -0.04
C ASN B 145 -14.55 3.66 -0.44
N MET B 146 -14.75 3.48 -1.74
CA MET B 146 -15.31 2.29 -2.37
C MET B 146 -14.24 1.69 -3.24
N THR B 147 -14.15 0.37 -3.28
CA THR B 147 -13.38 -0.29 -4.33
C THR B 147 -14.17 -0.31 -5.66
N MET B 148 -13.48 -0.61 -6.76
CA MET B 148 -14.15 -0.85 -8.04
C MET B 148 -15.10 -2.04 -7.97
N LYS B 149 -14.74 -3.03 -7.16
CA LYS B 149 -15.57 -4.21 -6.91
C LYS B 149 -16.95 -3.83 -6.35
N GLU B 150 -16.97 -2.96 -5.33
CA GLU B 150 -18.23 -2.39 -4.85
C GLU B 150 -19.00 -1.59 -5.91
N LEU B 151 -18.30 -0.74 -6.66
CA LEU B 151 -18.95 -0.02 -7.73
C LEU B 151 -19.60 -0.99 -8.74
N LEU B 152 -18.84 -1.98 -9.21
CA LEU B 152 -19.36 -2.96 -10.17
C LEU B 152 -20.56 -3.72 -9.61
N ASP B 153 -20.48 -4.09 -8.32
CA ASP B 153 -21.59 -4.75 -7.63
C ASP B 153 -22.85 -3.89 -7.61
N LYS B 154 -22.71 -2.59 -7.43
CA LYS B 154 -23.87 -1.68 -7.45
C LYS B 154 -24.45 -1.50 -8.84
N LEU B 155 -23.57 -1.28 -9.83
CA LEU B 155 -23.96 -0.88 -11.17
C LEU B 155 -24.49 -2.01 -12.07
N CYS B 156 -23.84 -3.18 -11.99
CA CYS B 156 -24.09 -4.25 -12.93
C CYS B 156 -25.18 -5.17 -12.43
N TRP B 157 -26.33 -5.12 -13.09
CA TRP B 157 -27.44 -6.00 -12.73
C TRP B 157 -27.30 -7.40 -13.36
N THR B 158 -26.33 -7.57 -14.26
CA THR B 158 -26.07 -8.87 -14.88
C THR B 158 -24.63 -9.32 -14.59
N GLU B 159 -24.46 -10.63 -14.48
CA GLU B 159 -23.13 -11.21 -14.26
C GLU B 159 -22.23 -10.99 -15.45
N SER B 160 -22.82 -11.11 -16.64
CA SER B 160 -22.13 -10.85 -17.90
C SER B 160 -21.46 -9.50 -17.94
N ALA B 161 -22.16 -8.44 -17.54
CA ALA B 161 -21.57 -7.10 -17.55
C ALA B 161 -20.46 -7.00 -16.49
N LYS B 162 -20.71 -7.63 -15.34
CA LYS B 162 -19.79 -7.61 -14.23
C LYS B 162 -18.48 -8.37 -14.56
N GLN B 163 -18.59 -9.50 -15.24
CA GLN B 163 -17.45 -10.27 -15.72
C GLN B 163 -16.59 -9.42 -16.68
N LEU B 164 -17.22 -8.78 -17.66
CA LEU B 164 -16.50 -8.01 -18.65
C LEU B 164 -15.87 -6.75 -18.05
N ALA B 165 -16.62 -6.09 -17.15
CA ALA B 165 -16.12 -4.92 -16.43
C ALA B 165 -14.91 -5.29 -15.62
N THR B 166 -14.93 -6.48 -15.02
CA THR B 166 -13.86 -6.97 -14.19
C THR B 166 -12.61 -7.21 -15.04
N LEU B 167 -12.80 -7.81 -16.21
CA LEU B 167 -11.68 -8.06 -17.10
C LEU B 167 -11.09 -6.71 -17.54
N PHE B 168 -11.98 -5.77 -17.83
CA PHE B 168 -11.60 -4.42 -18.25
C PHE B 168 -10.68 -3.76 -17.22
N VAL B 169 -11.08 -3.80 -15.94
CA VAL B 169 -10.24 -3.29 -14.84
C VAL B 169 -8.92 -4.05 -14.75
N ASN B 170 -8.98 -5.39 -14.75
CA ASN B 170 -7.75 -6.20 -14.62
C ASN B 170 -6.77 -5.81 -15.72
N LEU B 171 -7.30 -5.61 -16.94
CA LEU B 171 -6.47 -5.30 -18.10
C LEU B 171 -5.86 -3.89 -18.06
N CYS B 172 -6.66 -2.89 -17.72
CA CYS B 172 -6.19 -1.50 -17.71
C CYS B 172 -5.15 -1.18 -16.62
N VAL B 173 -5.32 -1.79 -15.44
CA VAL B 173 -4.54 -1.40 -14.25
C VAL B 173 -3.86 -2.61 -13.54
N THR B 174 -3.85 -3.77 -14.19
CA THR B 174 -3.18 -4.98 -13.69
C THR B 174 -3.39 -5.19 -12.19
N ALA B 175 -4.64 -5.02 -11.77
CA ALA B 175 -5.02 -5.13 -10.39
C ALA B 175 -6.45 -5.63 -10.34
N GLU B 176 -6.81 -6.20 -9.19
CA GLU B 176 -8.12 -6.73 -8.96
C GLU B 176 -9.06 -5.58 -8.63
N THR B 177 -10.32 -5.73 -9.02
CA THR B 177 -11.33 -4.71 -8.77
C THR B 177 -11.44 -4.36 -7.28
N HIS B 178 -11.23 -5.35 -6.42
CA HIS B 178 -11.33 -5.13 -4.97
C HIS B 178 -10.08 -4.46 -4.38
N GLU B 179 -9.00 -4.38 -5.16
CA GLU B 179 -7.75 -3.75 -4.67
C GLU B 179 -7.72 -2.23 -4.85
N VAL B 180 -8.52 -1.71 -5.78
CA VAL B 180 -8.37 -0.35 -6.24
C VAL B 180 -9.54 0.54 -5.85
N SER B 181 -9.25 1.81 -5.58
CA SER B 181 -10.26 2.84 -5.38
C SER B 181 -11.12 3.04 -6.63
N ALA B 182 -12.44 3.18 -6.44
CA ALA B 182 -13.32 3.51 -7.56
C ALA B 182 -12.95 4.88 -8.12
N LEU B 183 -12.76 5.88 -7.24
CA LEU B 183 -12.31 7.23 -7.69
C LEU B 183 -11.05 7.20 -8.55
N TRP B 184 -10.04 6.47 -8.08
CA TRP B 184 -8.78 6.42 -8.80
C TRP B 184 -8.98 5.75 -10.18
N PHE B 185 -9.75 4.67 -10.24
CA PHE B 185 -9.89 3.95 -11.51
C PHE B 185 -10.65 4.79 -12.55
N LEU B 186 -11.70 5.45 -12.09
CA LEU B 186 -12.49 6.34 -12.91
C LEU B 186 -11.69 7.57 -13.37
N TRP B 187 -10.78 8.06 -12.50
CA TRP B 187 -9.86 9.13 -12.91
C TRP B 187 -8.93 8.60 -14.00
N TYR B 188 -8.38 7.42 -13.75
CA TYR B 188 -7.43 6.79 -14.64
C TYR B 188 -7.96 6.65 -16.07
N VAL B 189 -9.21 6.17 -16.19
CA VAL B 189 -9.87 5.98 -17.48
C VAL B 189 -10.16 7.32 -18.15
N LYS B 190 -10.77 8.23 -17.38
CA LYS B 190 -11.08 9.58 -17.84
C LYS B 190 -9.85 10.31 -18.42
N GLN B 191 -8.74 10.29 -17.69
CA GLN B 191 -7.51 10.97 -18.10
C GLN B 191 -6.77 10.27 -19.27
N CYS B 192 -7.28 9.12 -19.73
CA CYS B 192 -6.87 8.52 -20.99
C CYS B 192 -7.87 8.80 -22.12
N GLY B 193 -8.83 9.68 -21.87
CA GLY B 193 -9.85 10.06 -22.85
C GLY B 193 -11.14 9.23 -22.82
N GLY B 194 -11.32 8.40 -21.79
CA GLY B 194 -12.55 7.61 -21.68
C GLY B 194 -12.39 6.14 -22.05
N THR B 195 -13.46 5.38 -21.89
CA THR B 195 -13.42 3.92 -22.00
C THR B 195 -13.04 3.48 -23.42
N THR B 196 -13.66 4.13 -24.43
CA THR B 196 -13.40 3.81 -25.84
C THR B 196 -11.94 4.02 -26.22
N ARG B 197 -11.42 5.21 -25.90
CA ARG B 197 -10.04 5.54 -26.19
C ARG B 197 -9.02 4.59 -25.50
N ILE B 198 -9.28 4.26 -24.24
CA ILE B 198 -8.36 3.43 -23.49
C ILE B 198 -8.33 1.97 -23.99
N ILE B 199 -9.45 1.44 -24.48
CA ILE B 199 -9.52 0.02 -24.91
C ILE B 199 -9.36 -0.26 -26.39
N SER B 200 -9.49 0.78 -27.21
CA SER B 200 -9.46 0.59 -28.66
C SER B 200 -8.04 0.36 -29.14
N THR B 201 -7.93 -0.49 -30.16
CA THR B 201 -6.69 -0.61 -30.92
C THR B 201 -6.81 0.47 -32.00
N THR B 202 -7.58 0.21 -33.06
CA THR B 202 -7.90 1.27 -34.05
C THR B 202 -8.51 2.48 -33.37
N ASN B 203 -7.87 3.64 -33.53
CA ASN B 203 -8.32 4.90 -32.92
C ASN B 203 -8.19 4.95 -31.39
N GLY B 204 -7.38 4.06 -30.81
CA GLY B 204 -7.16 4.08 -29.37
C GLY B 204 -5.72 3.89 -28.90
N GLY B 205 -5.56 3.65 -27.60
CA GLY B 205 -4.24 3.47 -27.00
C GLY B 205 -3.35 2.40 -27.61
N GLN B 206 -3.95 1.38 -28.23
CA GLN B 206 -3.18 0.26 -28.75
C GLN B 206 -3.04 0.28 -30.25
N GLU B 207 -3.23 1.44 -30.86
CA GLU B 207 -3.21 1.49 -32.32
C GLU B 207 -1.88 1.05 -32.93
N ARG B 208 -0.78 1.43 -32.26
CA ARG B 208 0.53 1.39 -32.87
C ARG B 208 1.65 0.93 -31.93
N LYS B 209 2.71 0.39 -32.53
CA LYS B 209 3.99 0.20 -31.84
C LYS B 209 5.10 0.90 -32.64
N PHE B 210 6.26 1.07 -32.01
CA PHE B 210 7.42 1.62 -32.69
C PHE B 210 8.18 0.52 -33.43
N VAL B 211 8.53 0.82 -34.68
CA VAL B 211 9.45 -0.02 -35.45
C VAL B 211 10.76 -0.08 -34.71
N GLY B 212 11.20 -1.29 -34.38
CA GLY B 212 12.44 -1.52 -33.65
C GLY B 212 12.31 -1.56 -32.13
N GLY B 213 11.14 -1.20 -31.59
CA GLY B 213 10.96 -1.17 -30.15
C GLY B 213 10.91 0.21 -29.50
N SER B 214 10.09 0.31 -28.45
CA SER B 214 9.99 1.53 -27.63
C SER B 214 11.26 1.79 -26.81
N GLY B 215 12.06 0.76 -26.59
CA GLY B 215 13.33 0.94 -25.87
C GLY B 215 14.27 1.94 -26.53
N GLN B 216 14.12 2.12 -27.85
CA GLN B 216 14.93 3.07 -28.60
C GLN B 216 14.72 4.51 -28.14
N VAL B 217 13.56 4.80 -27.55
CA VAL B 217 13.32 6.16 -27.05
C VAL B 217 14.39 6.50 -26.00
N SER B 218 14.56 5.64 -25.01
CA SER B 218 15.47 5.92 -23.92
C SER B 218 16.93 5.72 -24.35
N GLU B 219 17.16 4.74 -25.22
CA GLU B 219 18.50 4.46 -25.75
C GLU B 219 19.01 5.66 -26.56
N ARG B 220 18.15 6.20 -27.42
CA ARG B 220 18.54 7.34 -28.26
C ARG B 220 18.76 8.64 -27.48
N ILE B 221 18.00 8.86 -26.41
CA ILE B 221 18.23 10.04 -25.56
C ILE B 221 19.55 9.85 -24.79
N MET B 222 19.83 8.63 -24.38
CA MET B 222 21.12 8.34 -23.80
C MET B 222 22.26 8.62 -24.78
N ASP B 223 22.08 8.26 -26.05
CA ASP B 223 23.06 8.58 -27.11
C ASP B 223 23.31 10.09 -27.19
N LEU B 224 22.24 10.88 -27.19
CA LEU B 224 22.35 12.33 -27.22
C LEU B 224 23.07 12.88 -25.98
N LEU B 225 22.89 12.23 -24.84
CA LEU B 225 23.38 12.79 -23.58
C LEU B 225 24.81 12.34 -23.29
N GLY B 226 25.26 11.33 -24.02
CA GLY B 226 26.60 10.78 -23.87
C GLY B 226 26.89 10.30 -22.47
N ASP B 227 28.00 10.81 -21.93
CA ASP B 227 28.52 10.35 -20.65
C ASP B 227 27.76 10.94 -19.44
N ARG B 228 26.76 11.76 -19.72
CA ARG B 228 25.93 12.35 -18.66
C ARG B 228 24.98 11.35 -17.97
N VAL B 229 24.72 10.20 -18.61
CA VAL B 229 23.91 9.13 -18.04
C VAL B 229 24.80 8.11 -17.29
N LYS B 230 24.51 7.90 -16.01
CA LYS B 230 25.31 6.99 -15.20
C LYS B 230 24.50 5.73 -14.87
N LEU B 231 24.90 4.62 -15.45
CA LEU B 231 24.22 3.34 -15.27
C LEU B 231 24.79 2.66 -14.06
N GLU B 232 23.98 1.83 -13.42
CA GLU B 232 24.35 1.15 -12.17
C GLU B 232 24.72 2.15 -11.06
N ARG B 233 23.96 3.24 -11.03
CA ARG B 233 24.02 4.26 -9.99
C ARG B 233 22.67 4.39 -9.24
N PRO B 234 22.31 3.37 -8.43
CA PRO B 234 21.07 3.55 -7.67
C PRO B 234 21.24 4.64 -6.62
N VAL B 235 20.35 5.61 -6.60
CA VAL B 235 20.36 6.64 -5.56
C VAL B 235 19.90 6.05 -4.23
N ILE B 236 20.69 6.31 -3.18
CA ILE B 236 20.41 5.84 -1.82
C ILE B 236 20.16 6.97 -0.83
N TYR B 237 20.54 8.18 -1.20
CA TYR B 237 20.58 9.26 -0.23
C TYR B 237 20.45 10.61 -0.90
N ILE B 238 19.51 11.41 -0.40
CA ILE B 238 19.37 12.79 -0.85
C ILE B 238 19.42 13.73 0.33
N ASP B 239 20.39 14.64 0.29
CA ASP B 239 20.62 15.61 1.36
C ASP B 239 20.33 17.01 0.85
N GLN B 240 19.31 17.65 1.43
CA GLN B 240 18.94 19.02 1.08
C GLN B 240 19.21 20.06 2.19
N THR B 241 20.01 19.70 3.19
CA THR B 241 20.26 20.59 4.34
C THR B 241 21.14 21.80 3.97
N ARG B 242 22.03 21.63 3.00
CA ARG B 242 23.02 22.66 2.64
C ARG B 242 22.62 23.43 1.37
N GLU B 243 23.58 24.19 0.83
CA GLU B 243 23.30 25.13 -0.27
C GLU B 243 23.07 24.42 -1.61
N ASN B 244 23.92 23.42 -1.89
CA ASN B 244 23.74 22.53 -3.03
C ASN B 244 23.13 21.22 -2.56
N VAL B 245 22.26 20.62 -3.37
CA VAL B 245 21.68 19.30 -3.06
C VAL B 245 22.70 18.18 -3.26
N LEU B 246 22.83 17.30 -2.27
CA LEU B 246 23.78 16.20 -2.36
C LEU B 246 23.04 14.89 -2.63
N VAL B 247 23.44 14.21 -3.69
CA VAL B 247 22.80 12.96 -4.09
C VAL B 247 23.86 11.88 -4.07
N GLU B 248 23.68 10.90 -3.19
CA GLU B 248 24.61 9.80 -3.10
C GLU B 248 24.06 8.52 -3.77
N THR B 249 24.96 7.75 -4.39
CA THR B 249 24.61 6.47 -5.01
C THR B 249 25.16 5.28 -4.23
N LEU B 250 24.64 4.09 -4.54
CA LEU B 250 25.02 2.84 -3.88
C LEU B 250 26.49 2.48 -4.10
N ASN B 251 26.96 2.68 -5.33
CA ASN B 251 28.35 2.42 -5.69
C ASN B 251 29.31 3.50 -5.17
N HIS B 252 28.83 4.28 -4.20
CA HIS B 252 29.67 5.19 -3.42
C HIS B 252 30.10 6.49 -4.15
N GLU B 253 29.21 7.04 -4.98
CA GLU B 253 29.49 8.31 -5.65
C GLU B 253 28.59 9.42 -5.13
N MET B 254 29.07 10.65 -5.26
CA MET B 254 28.36 11.83 -4.81
C MET B 254 28.16 12.82 -5.93
N TYR B 255 26.94 13.36 -6.02
CA TYR B 255 26.60 14.34 -7.03
C TYR B 255 26.02 15.56 -6.36
N GLU B 256 26.33 16.72 -6.91
CA GLU B 256 25.98 17.97 -6.29
C GLU B 256 25.26 18.77 -7.36
N ALA B 257 24.13 19.34 -6.98
CA ALA B 257 23.29 20.03 -7.95
C ALA B 257 22.45 21.09 -7.28
N LYS B 258 21.93 22.00 -8.08
CA LYS B 258 20.99 23.00 -7.63
C LYS B 258 19.60 22.38 -7.44
N TYR B 259 19.25 21.43 -8.31
CA TYR B 259 17.92 20.80 -8.29
C TYR B 259 17.97 19.30 -8.61
N VAL B 260 16.93 18.60 -8.15
CA VAL B 260 16.78 17.18 -8.40
C VAL B 260 15.40 16.91 -9.02
N ILE B 261 15.39 16.02 -10.01
CA ILE B 261 14.14 15.49 -10.51
C ILE B 261 14.07 14.01 -10.13
N SER B 262 13.03 13.68 -9.36
CA SER B 262 12.74 12.29 -9.05
C SER B 262 11.83 11.71 -10.15
N ALA B 263 12.38 10.82 -10.95
CA ALA B 263 11.65 10.29 -12.10
C ALA B 263 11.46 8.78 -11.96
N ILE B 264 11.19 8.36 -10.72
CA ILE B 264 10.99 6.95 -10.39
C ILE B 264 9.53 6.77 -9.91
N PRO B 265 9.01 5.52 -9.97
CA PRO B 265 7.69 5.27 -9.37
C PRO B 265 7.63 5.74 -7.91
N PRO B 266 6.53 6.45 -7.52
CA PRO B 266 6.37 7.07 -6.20
C PRO B 266 6.82 6.19 -5.01
N THR B 267 6.42 4.92 -4.99
CA THR B 267 6.80 4.06 -3.88
C THR B 267 8.31 3.77 -3.83
N LEU B 268 8.98 3.80 -4.98
CA LEU B 268 10.43 3.57 -5.02
C LEU B 268 11.25 4.74 -4.44
N GLY B 269 10.57 5.86 -4.18
CA GLY B 269 11.06 6.90 -3.29
C GLY B 269 11.48 6.35 -1.92
N MET B 270 10.87 5.24 -1.51
CA MET B 270 11.27 4.55 -0.27
C MET B 270 12.72 4.07 -0.25
N LYS B 271 13.30 3.77 -1.42
CA LYS B 271 14.68 3.27 -1.49
C LYS B 271 15.75 4.32 -1.17
N ILE B 272 15.31 5.57 -1.04
CA ILE B 272 16.16 6.72 -0.80
C ILE B 272 16.02 7.20 0.66
N HIS B 273 17.15 7.47 1.31
CA HIS B 273 17.13 8.06 2.65
C HIS B 273 17.26 9.57 2.50
N PHE B 274 16.34 10.29 3.12
CA PHE B 274 16.26 11.73 2.97
C PHE B 274 16.74 12.48 4.20
N ASN B 275 17.49 13.54 3.95
CA ASN B 275 17.87 14.48 4.98
C ASN B 275 17.65 15.88 4.42
N PRO B 276 16.73 16.67 5.04
CA PRO B 276 15.95 16.31 6.22
C PRO B 276 14.87 15.26 5.87
N PRO B 277 14.25 14.63 6.88
CA PRO B 277 13.17 13.69 6.53
C PRO B 277 12.15 14.33 5.60
N LEU B 278 11.45 13.51 4.83
CA LEU B 278 10.36 14.00 4.00
C LEU B 278 9.26 14.59 4.88
N PRO B 279 8.50 15.56 4.35
CA PRO B 279 7.30 15.98 5.07
C PRO B 279 6.38 14.79 5.33
N MET B 280 5.56 14.90 6.38
CA MET B 280 4.66 13.82 6.79
C MET B 280 3.84 13.15 5.66
N MET B 281 3.17 13.94 4.84
CA MET B 281 2.25 13.39 3.86
C MET B 281 2.96 12.55 2.81
N ARG B 282 4.07 13.05 2.27
CA ARG B 282 4.88 12.27 1.34
C ARG B 282 5.52 11.05 2.01
N ASN B 283 6.08 11.24 3.21
CA ASN B 283 6.59 10.12 3.99
C ASN B 283 5.61 8.94 4.01
N GLN B 284 4.34 9.22 4.26
CA GLN B 284 3.37 8.12 4.29
C GLN B 284 2.84 7.74 2.92
N MET B 285 2.71 8.72 2.04
CA MET B 285 2.17 8.45 0.69
C MET B 285 2.93 7.35 -0.04
N ILE B 286 4.26 7.39 0.04
CA ILE B 286 5.13 6.47 -0.68
C ILE B 286 5.10 5.04 -0.11
N THR B 287 4.39 4.85 1.01
CA THR B 287 4.19 3.49 1.51
C THR B 287 2.82 2.95 1.10
N ARG B 288 2.06 3.79 0.40
CA ARG B 288 0.63 3.56 0.19
C ARG B 288 0.25 3.33 -1.27
N VAL B 289 1.24 3.21 -2.15
CA VAL B 289 1.00 3.31 -3.59
C VAL B 289 1.72 2.22 -4.37
N PRO B 290 1.17 0.97 -4.35
CA PRO B 290 1.81 -0.14 -5.02
C PRO B 290 1.67 -0.06 -6.52
N LEU B 291 2.42 -0.89 -7.25
CA LEU B 291 2.19 -1.09 -8.67
C LEU B 291 1.58 -2.47 -8.88
N GLY B 292 0.88 -2.60 -10.01
CA GLY B 292 0.19 -3.84 -10.37
C GLY B 292 1.14 -4.95 -10.73
N SER B 293 0.55 -6.09 -11.11
CA SER B 293 1.24 -7.35 -11.29
C SER B 293 0.91 -7.90 -12.66
N VAL B 294 1.95 -8.16 -13.45
CA VAL B 294 1.79 -8.62 -14.80
C VAL B 294 3.03 -9.38 -15.29
N ILE B 295 2.76 -10.40 -16.10
CA ILE B 295 3.77 -11.07 -16.90
C ILE B 295 3.39 -10.81 -18.36
N LYS B 296 4.27 -10.20 -19.13
CA LYS B 296 4.03 -10.05 -20.56
C LYS B 296 4.65 -11.23 -21.31
N CYS B 297 3.83 -11.88 -22.14
CA CYS B 297 4.23 -13.13 -22.80
C CYS B 297 4.00 -13.06 -24.29
N ILE B 298 5.02 -13.46 -25.06
CA ILE B 298 4.94 -13.45 -26.51
C ILE B 298 5.32 -14.83 -27.07
N VAL B 299 4.35 -15.45 -27.75
CA VAL B 299 4.50 -16.77 -28.35
C VAL B 299 4.67 -16.60 -29.85
N TYR B 300 5.76 -17.12 -30.38
CA TYR B 300 6.12 -17.03 -31.81
C TYR B 300 5.68 -18.28 -32.60
N TYR B 301 5.24 -18.04 -33.83
CA TYR B 301 4.77 -19.06 -34.72
C TYR B 301 5.38 -18.86 -36.08
N LYS B 302 5.45 -19.93 -36.87
CA LYS B 302 6.04 -19.87 -38.21
C LYS B 302 5.27 -18.87 -39.08
N GLU B 303 3.96 -18.81 -38.88
CA GLU B 303 3.09 -17.93 -39.65
C GLU B 303 1.97 -17.32 -38.78
N PRO B 304 1.43 -16.17 -39.18
CA PRO B 304 0.26 -15.63 -38.49
C PRO B 304 -1.03 -16.36 -38.90
N PHE B 305 -1.08 -17.64 -38.55
CA PHE B 305 -2.09 -18.56 -39.05
C PHE B 305 -3.52 -18.14 -38.71
N TRP B 306 -3.69 -17.36 -37.65
CA TRP B 306 -5.02 -16.89 -37.24
C TRP B 306 -5.69 -16.03 -38.34
N ARG B 307 -4.87 -15.27 -39.07
CA ARG B 307 -5.34 -14.46 -40.18
C ARG B 307 -6.06 -15.27 -41.28
N LYS B 308 -5.58 -16.48 -41.55
CA LYS B 308 -6.22 -17.36 -42.55
C LYS B 308 -7.65 -17.71 -42.13
N LYS B 309 -7.93 -17.74 -40.83
CA LYS B 309 -9.26 -18.05 -40.30
C LYS B 309 -10.07 -16.78 -40.10
N ASP B 310 -9.54 -15.68 -40.64
CA ASP B 310 -10.15 -14.36 -40.52
C ASP B 310 -10.24 -13.87 -39.05
N TYR B 311 -9.17 -14.14 -38.29
CA TYR B 311 -8.98 -13.60 -36.95
C TYR B 311 -7.76 -12.70 -36.95
N CYS B 312 -7.85 -11.54 -36.31
CA CYS B 312 -6.74 -10.60 -36.29
C CYS B 312 -5.67 -10.98 -35.26
N GLY B 313 -6.08 -11.75 -34.25
CA GLY B 313 -5.19 -12.13 -33.19
C GLY B 313 -5.56 -11.52 -31.85
N THR B 314 -6.53 -10.61 -31.86
CA THR B 314 -7.09 -10.03 -30.62
C THR B 314 -8.05 -11.00 -30.00
N MET B 315 -7.77 -11.40 -28.77
CA MET B 315 -8.64 -12.27 -28.02
C MET B 315 -8.96 -11.63 -26.67
N ILE B 316 -10.26 -11.62 -26.34
CA ILE B 316 -10.76 -11.17 -25.04
C ILE B 316 -11.33 -12.42 -24.39
N ILE B 317 -10.65 -12.89 -23.35
CA ILE B 317 -10.86 -14.24 -22.83
C ILE B 317 -11.33 -14.20 -21.39
N ASP B 318 -12.60 -14.55 -21.19
CA ASP B 318 -13.13 -14.53 -19.81
C ASP B 318 -12.88 -15.82 -19.04
N GLY B 319 -12.87 -15.70 -17.72
CA GLY B 319 -12.91 -16.87 -16.86
C GLY B 319 -11.63 -17.05 -16.08
N GLU B 320 -11.73 -17.79 -14.98
CA GLU B 320 -10.63 -17.96 -14.06
C GLU B 320 -9.56 -18.87 -14.64
N GLU B 321 -9.99 -19.84 -15.44
CA GLU B 321 -9.11 -20.89 -15.92
C GLU B 321 -8.11 -20.37 -16.97
N ALA B 322 -8.49 -19.32 -17.71
CA ALA B 322 -7.63 -18.75 -18.72
C ALA B 322 -6.43 -17.99 -18.08
N PRO B 323 -5.20 -18.44 -18.36
CA PRO B 323 -4.02 -17.74 -17.83
C PRO B 323 -3.95 -16.29 -18.31
N VAL B 324 -4.39 -16.07 -19.56
CA VAL B 324 -4.29 -14.80 -20.26
C VAL B 324 -5.70 -14.32 -20.62
N ALA B 325 -6.04 -13.09 -20.26
CA ALA B 325 -7.37 -12.59 -20.57
C ALA B 325 -7.44 -11.75 -21.83
N TYR B 326 -6.27 -11.36 -22.35
CA TYR B 326 -6.19 -10.41 -23.47
C TYR B 326 -4.95 -10.61 -24.33
N THR B 327 -5.16 -10.60 -25.64
CA THR B 327 -4.06 -10.80 -26.58
C THR B 327 -4.13 -9.81 -27.72
N LEU B 328 -2.98 -9.54 -28.32
CA LEU B 328 -2.89 -8.79 -29.54
C LEU B 328 -1.91 -9.52 -30.47
N ASP B 329 -2.14 -9.39 -31.76
CA ASP B 329 -1.18 -9.83 -32.77
C ASP B 329 0.11 -9.01 -32.56
N ASP B 330 1.25 -9.69 -32.39
CA ASP B 330 2.53 -9.01 -32.24
C ASP B 330 3.49 -9.23 -33.43
N THR B 331 2.93 -9.69 -34.56
CA THR B 331 3.69 -9.93 -35.80
C THR B 331 4.36 -8.62 -36.30
N LYS B 332 5.56 -8.72 -36.85
CA LYS B 332 6.25 -7.55 -37.40
C LYS B 332 5.44 -6.94 -38.54
N PRO B 333 5.66 -5.64 -38.82
CA PRO B 333 4.88 -5.03 -39.91
C PRO B 333 5.15 -5.71 -41.26
N GLU B 334 6.32 -6.32 -41.42
CA GLU B 334 6.69 -7.02 -42.65
C GLU B 334 5.88 -8.31 -42.81
N GLY B 335 5.23 -8.75 -41.73
CA GLY B 335 4.40 -9.96 -41.76
C GLY B 335 5.13 -11.21 -41.28
N ASN B 336 6.38 -11.04 -40.86
CA ASN B 336 7.19 -12.15 -40.34
C ASN B 336 7.35 -12.04 -38.83
N TYR B 337 8.09 -12.99 -38.26
CA TYR B 337 8.17 -13.13 -36.80
C TYR B 337 6.74 -13.12 -36.19
N ALA B 338 5.86 -13.91 -36.81
CA ALA B 338 4.48 -14.08 -36.37
C ALA B 338 4.42 -14.42 -34.87
N ALA B 339 3.58 -13.67 -34.17
CA ALA B 339 3.53 -13.75 -32.72
C ALA B 339 2.19 -13.27 -32.14
N ILE B 340 1.83 -13.86 -31.01
CA ILE B 340 0.71 -13.42 -30.20
C ILE B 340 1.28 -12.92 -28.88
N MET B 341 0.99 -11.65 -28.57
CA MET B 341 1.30 -11.08 -27.28
C MET B 341 0.07 -11.27 -26.35
N GLY B 342 0.32 -11.82 -25.16
CA GLY B 342 -0.72 -11.91 -24.13
C GLY B 342 -0.24 -11.43 -22.75
N PHE B 343 -1.16 -10.89 -21.94
CA PHE B 343 -0.84 -10.47 -20.57
C PHE B 343 -1.37 -11.46 -19.55
N ILE B 344 -0.54 -11.86 -18.59
CA ILE B 344 -1.04 -12.63 -17.44
C ILE B 344 -1.23 -11.62 -16.30
N LEU B 345 -2.49 -11.41 -15.90
CA LEU B 345 -2.84 -10.21 -15.13
C LEU B 345 -3.10 -10.45 -13.65
N ALA B 346 -2.54 -9.56 -12.82
CA ALA B 346 -2.98 -9.42 -11.43
C ALA B 346 -2.75 -10.72 -10.65
N HIS B 347 -3.79 -11.27 -10.00
CA HIS B 347 -3.59 -12.50 -9.20
C HIS B 347 -3.06 -13.66 -10.01
N LYS B 348 -3.35 -13.69 -11.32
CA LYS B 348 -2.86 -14.79 -12.16
C LYS B 348 -1.36 -14.72 -12.36
N ALA B 349 -0.80 -13.50 -12.31
CA ALA B 349 0.65 -13.30 -12.41
C ALA B 349 1.30 -13.87 -11.16
N ARG B 350 0.68 -13.63 -10.00
CA ARG B 350 1.16 -14.16 -8.72
C ARG B 350 1.07 -15.69 -8.75
N LYS B 351 -0.07 -16.20 -9.21
CA LYS B 351 -0.36 -17.64 -9.21
C LYS B 351 0.54 -18.41 -10.15
N LEU B 352 0.70 -17.92 -11.37
CA LEU B 352 1.41 -18.64 -12.43
C LEU B 352 2.92 -18.41 -12.45
N ALA B 353 3.38 -17.40 -11.72
CA ALA B 353 4.82 -17.14 -11.56
C ALA B 353 5.58 -18.36 -11.03
N ARG B 354 4.89 -19.19 -10.25
CA ARG B 354 5.41 -20.39 -9.61
C ARG B 354 5.86 -21.45 -10.60
N LEU B 355 5.24 -21.45 -11.78
CA LEU B 355 5.53 -22.40 -12.82
C LEU B 355 6.82 -22.07 -13.51
N THR B 356 7.29 -22.98 -14.34
CA THR B 356 8.47 -22.77 -15.17
C THR B 356 8.06 -22.05 -16.44
N LYS B 357 9.04 -21.46 -17.11
CA LYS B 357 8.86 -20.78 -18.38
C LYS B 357 8.13 -21.69 -19.39
N GLU B 358 8.56 -22.96 -19.46
CA GLU B 358 8.00 -23.96 -20.37
C GLU B 358 6.56 -24.33 -20.00
N GLU B 359 6.28 -24.42 -18.70
CA GLU B 359 4.93 -24.69 -18.22
C GLU B 359 3.95 -23.59 -18.61
N ARG B 360 4.39 -22.34 -18.52
CA ARG B 360 3.59 -21.21 -18.95
C ARG B 360 3.39 -21.20 -20.46
N LEU B 361 4.45 -21.50 -21.21
CA LEU B 361 4.36 -21.64 -22.66
C LEU B 361 3.27 -22.66 -23.07
N LYS B 362 3.31 -23.84 -22.45
CA LYS B 362 2.32 -24.89 -22.70
C LYS B 362 0.89 -24.42 -22.41
N LYS B 363 0.67 -23.77 -21.27
CA LYS B 363 -0.69 -23.28 -20.92
C LYS B 363 -1.24 -22.26 -21.92
N LEU B 364 -0.38 -21.38 -22.39
CA LEU B 364 -0.79 -20.34 -23.33
C LEU B 364 -1.14 -20.90 -24.70
N CYS B 365 -0.31 -21.85 -25.17
CA CYS B 365 -0.54 -22.54 -26.42
C CYS B 365 -1.84 -23.33 -26.42
N GLU B 366 -2.11 -24.05 -25.33
CA GLU B 366 -3.35 -24.80 -25.21
C GLU B 366 -4.56 -23.86 -25.17
N LEU B 367 -4.44 -22.75 -24.46
CA LEU B 367 -5.47 -21.73 -24.46
C LEU B 367 -5.71 -21.16 -25.89
N TYR B 368 -4.65 -20.68 -26.52
CA TYR B 368 -4.77 -20.12 -27.85
C TYR B 368 -5.31 -21.13 -28.87
N ALA B 369 -4.92 -22.41 -28.73
CA ALA B 369 -5.46 -23.44 -29.62
C ALA B 369 -6.98 -23.53 -29.48
N LYS B 370 -7.46 -23.40 -28.23
CA LYS B 370 -8.88 -23.48 -27.91
C LYS B 370 -9.59 -22.27 -28.49
N VAL B 371 -9.07 -21.10 -28.14
CA VAL B 371 -9.72 -19.84 -28.50
C VAL B 371 -9.70 -19.60 -30.00
N LEU B 372 -8.56 -19.82 -30.63
CA LEU B 372 -8.43 -19.65 -32.08
C LEU B 372 -8.96 -20.84 -32.88
N GLY B 373 -9.20 -21.96 -32.20
CA GLY B 373 -9.73 -23.13 -32.84
C GLY B 373 -8.74 -23.73 -33.81
N SER B 374 -7.46 -23.72 -33.45
CA SER B 374 -6.37 -24.14 -34.33
C SER B 374 -5.31 -24.96 -33.60
N LEU B 375 -5.08 -26.16 -34.11
CA LEU B 375 -3.95 -27.00 -33.68
C LEU B 375 -2.60 -26.35 -33.93
N GLU B 376 -2.55 -25.43 -34.88
CA GLU B 376 -1.31 -24.71 -35.17
C GLU B 376 -0.79 -23.90 -34.00
N ALA B 377 -1.68 -23.52 -33.08
CA ALA B 377 -1.30 -22.80 -31.85
C ALA B 377 -0.47 -23.68 -30.92
N LEU B 378 -0.47 -24.98 -31.18
CA LEU B 378 0.24 -25.93 -30.35
C LEU B 378 1.69 -26.12 -30.79
N GLU B 379 2.10 -25.44 -31.86
CA GLU B 379 3.47 -25.56 -32.36
C GLU B 379 4.28 -24.25 -32.37
N PRO B 380 4.60 -23.70 -31.18
CA PRO B 380 5.32 -22.44 -31.13
C PRO B 380 6.77 -22.66 -31.62
N VAL B 381 7.37 -21.66 -32.25
CA VAL B 381 8.78 -21.78 -32.65
C VAL B 381 9.72 -21.07 -31.67
N HIS B 382 9.11 -20.26 -30.79
CA HIS B 382 9.85 -19.42 -29.85
C HIS B 382 8.91 -18.81 -28.82
N TYR B 383 9.50 -18.45 -27.68
CA TYR B 383 8.77 -17.87 -26.56
C TYR B 383 9.64 -16.83 -25.85
N GLU B 384 9.07 -15.66 -25.59
CA GLU B 384 9.66 -14.68 -24.68
C GLU B 384 8.62 -14.19 -23.66
N GLU B 385 9.06 -13.93 -22.44
CA GLU B 385 8.18 -13.47 -21.37
C GLU B 385 8.96 -12.62 -20.37
N LYS B 386 8.25 -11.75 -19.64
CA LYS B 386 8.84 -10.90 -18.62
C LYS B 386 7.84 -10.69 -17.48
N ASN B 387 8.23 -11.17 -16.30
CA ASN B 387 7.48 -10.95 -15.08
C ASN B 387 7.93 -9.67 -14.41
N TRP B 388 7.12 -8.61 -14.54
CA TRP B 388 7.48 -7.32 -13.96
C TRP B 388 7.45 -7.24 -12.43
N CYS B 389 6.84 -8.24 -11.78
CA CYS B 389 6.65 -8.27 -10.33
C CYS B 389 7.98 -8.47 -9.62
N GLU B 390 8.93 -9.05 -10.33
CA GLU B 390 10.20 -9.40 -9.75
C GLU B 390 11.23 -8.25 -9.75
N GLU B 391 10.89 -7.13 -10.39
CA GLU B 391 11.78 -6.01 -10.63
C GLU B 391 11.95 -5.07 -9.45
N GLN B 392 13.11 -5.12 -8.79
CA GLN B 392 13.41 -4.24 -7.67
C GLN B 392 13.26 -2.76 -8.03
N TYR B 393 13.61 -2.38 -9.26
CA TYR B 393 13.62 -0.97 -9.62
C TYR B 393 12.43 -0.47 -10.46
N SER B 394 11.41 -1.32 -10.58
CA SER B 394 10.09 -0.95 -11.10
C SER B 394 9.02 -1.12 -10.01
N GLY B 395 9.01 -2.30 -9.38
CA GLY B 395 8.04 -2.64 -8.36
C GLY B 395 6.78 -3.33 -8.91
N GLY B 396 6.67 -3.35 -10.24
CA GLY B 396 5.57 -3.98 -10.96
C GLY B 396 5.35 -3.25 -12.28
N CYS B 397 4.19 -3.50 -12.90
CA CYS B 397 3.74 -2.79 -14.11
C CYS B 397 2.24 -2.94 -14.16
N TYR B 398 1.55 -2.11 -14.95
CA TYR B 398 2.14 -1.05 -15.78
C TYR B 398 2.49 0.15 -14.95
N THR B 399 1.70 0.37 -13.91
CA THR B 399 1.78 1.60 -13.16
C THR B 399 1.31 1.43 -11.71
N THR B 400 1.30 2.54 -10.99
CA THR B 400 0.91 2.61 -9.61
C THR B 400 -0.61 2.67 -9.53
N TYR B 401 -1.20 1.81 -8.71
CA TYR B 401 -2.62 1.96 -8.40
C TYR B 401 -2.82 2.52 -6.99
N PHE B 402 -4.00 3.10 -6.76
CA PHE B 402 -4.37 3.66 -5.45
C PHE B 402 -5.47 2.83 -4.80
N PRO B 403 -5.16 2.22 -3.64
CA PRO B 403 -6.17 1.50 -2.86
C PRO B 403 -7.21 2.45 -2.26
N PRO B 404 -8.34 1.91 -1.78
CA PRO B 404 -9.38 2.81 -1.27
C PRO B 404 -8.89 3.76 -0.15
N GLY B 405 -9.23 5.04 -0.30
CA GLY B 405 -8.93 6.09 0.68
C GLY B 405 -7.66 6.91 0.43
N ILE B 406 -6.80 6.43 -0.46
CA ILE B 406 -5.45 6.97 -0.61
C ILE B 406 -5.42 8.26 -1.45
N LEU B 407 -6.04 8.22 -2.63
CA LEU B 407 -6.00 9.34 -3.56
C LEU B 407 -6.56 10.65 -2.99
N THR B 408 -7.67 10.61 -2.25
CA THR B 408 -8.20 11.82 -1.59
C THR B 408 -7.31 12.32 -0.45
N GLN B 409 -6.72 11.41 0.31
CA GLN B 409 -5.90 11.77 1.48
C GLN B 409 -4.48 12.23 1.13
N TYR B 410 -3.90 11.64 0.09
CA TYR B 410 -2.48 11.82 -0.20
C TYR B 410 -2.21 12.26 -1.63
N GLY B 411 -3.27 12.30 -2.44
CA GLY B 411 -3.12 12.53 -3.88
C GLY B 411 -2.43 13.82 -4.25
N ARG B 412 -2.78 14.89 -3.55
CA ARG B 412 -2.30 16.23 -3.89
C ARG B 412 -0.79 16.43 -3.66
N VAL B 413 -0.16 15.46 -3.00
CA VAL B 413 1.26 15.51 -2.68
C VAL B 413 2.16 14.84 -3.72
N LEU B 414 1.57 14.05 -4.63
CA LEU B 414 2.31 13.32 -5.66
C LEU B 414 3.38 14.12 -6.41
N ARG B 415 2.99 15.27 -6.98
CA ARG B 415 3.96 16.08 -7.70
C ARG B 415 4.28 17.42 -7.03
N GLN B 416 3.88 17.54 -5.76
CA GLN B 416 4.27 18.68 -4.97
C GLN B 416 5.78 18.65 -4.70
N PRO B 417 6.49 19.74 -5.09
CA PRO B 417 7.94 19.80 -4.88
C PRO B 417 8.29 19.69 -3.41
N VAL B 418 9.32 18.92 -3.10
CA VAL B 418 9.88 18.94 -1.76
C VAL B 418 11.15 19.78 -1.80
N ASP B 419 11.03 21.05 -1.43
CA ASP B 419 12.16 21.99 -1.44
C ASP B 419 12.74 22.12 -2.87
N ARG B 420 13.87 21.46 -3.13
CA ARG B 420 14.48 21.49 -4.45
C ARG B 420 14.33 20.19 -5.28
N ILE B 421 13.52 19.25 -4.77
CA ILE B 421 13.18 18.03 -5.48
C ILE B 421 11.85 18.21 -6.19
N TYR B 422 11.87 18.00 -7.49
CA TYR B 422 10.67 18.05 -8.33
C TYR B 422 10.34 16.63 -8.82
N PHE B 423 9.06 16.35 -9.08
CA PHE B 423 8.62 14.96 -9.28
C PHE B 423 8.11 14.70 -10.69
N ALA B 424 8.82 13.85 -11.40
CA ALA B 424 8.41 13.45 -12.75
C ALA B 424 7.88 12.01 -12.65
N GLY B 425 7.99 11.22 -13.71
CA GLY B 425 7.47 9.87 -13.70
C GLY B 425 6.02 9.86 -14.15
N THR B 426 5.64 8.82 -14.89
CA THR B 426 4.31 8.77 -15.49
C THR B 426 3.17 8.94 -14.48
N GLU B 427 3.37 8.50 -13.24
CA GLU B 427 2.34 8.57 -12.20
C GLU B 427 1.84 10.01 -11.90
N THR B 428 2.71 10.99 -12.19
CA THR B 428 2.39 12.40 -11.95
C THR B 428 1.79 13.13 -13.15
N ALA B 429 1.54 12.40 -14.23
CA ALA B 429 0.94 13.03 -15.40
C ALA B 429 -0.55 13.28 -15.23
N THR B 430 -1.11 14.13 -16.09
CA THR B 430 -2.53 14.47 -16.04
C THR B 430 -3.27 13.98 -17.28
N HIS B 431 -2.53 13.45 -18.25
CA HIS B 431 -3.11 12.89 -19.47
C HIS B 431 -2.28 11.65 -19.86
N TRP B 432 -2.93 10.50 -19.90
CA TRP B 432 -2.23 9.21 -20.06
C TRP B 432 -1.16 8.96 -19.00
N SER B 433 -1.42 9.40 -17.77
CA SER B 433 -0.66 8.88 -16.63
C SER B 433 -0.75 7.36 -16.70
N GLY B 434 0.38 6.70 -16.44
CA GLY B 434 0.47 5.24 -16.56
C GLY B 434 1.14 4.79 -17.85
N TYR B 435 1.19 5.67 -18.85
CA TYR B 435 1.72 5.36 -20.18
C TYR B 435 3.04 6.06 -20.48
N MET B 436 3.69 5.69 -21.58
CA MET B 436 4.89 6.40 -22.06
C MET B 436 4.57 7.87 -22.32
N GLU B 437 3.37 8.12 -22.85
CA GLU B 437 2.87 9.47 -23.05
C GLU B 437 2.91 10.29 -21.74
N GLY B 438 2.38 9.70 -20.66
CA GLY B 438 2.40 10.35 -19.36
C GLY B 438 3.81 10.59 -18.81
N ALA B 439 4.70 9.66 -19.10
CA ALA B 439 6.10 9.77 -18.72
C ALA B 439 6.76 11.04 -19.32
N VAL B 440 6.52 11.26 -20.62
CA VAL B 440 7.02 12.45 -21.32
C VAL B 440 6.42 13.73 -20.73
N GLU B 441 5.09 13.76 -20.56
CA GLU B 441 4.40 14.93 -20.01
C GLU B 441 5.01 15.34 -18.69
N ALA B 442 5.19 14.37 -17.80
CA ALA B 442 5.63 14.60 -16.44
C ALA B 442 7.11 14.96 -16.37
N GLY B 443 7.94 14.30 -17.19
CA GLY B 443 9.36 14.63 -17.31
C GLY B 443 9.58 16.04 -17.83
N GLU B 444 8.91 16.39 -18.92
CA GLU B 444 9.02 17.74 -19.49
C GLU B 444 8.46 18.83 -18.58
N ARG B 445 7.34 18.57 -17.91
CA ARG B 445 6.75 19.49 -16.93
C ARG B 445 7.64 19.68 -15.69
N ALA B 446 8.21 18.58 -15.18
CA ALA B 446 9.09 18.68 -14.03
C ALA B 446 10.34 19.48 -14.38
N ALA B 447 10.86 19.26 -15.60
CA ALA B 447 11.99 20.03 -16.14
C ALA B 447 11.68 21.54 -16.20
N ARG B 448 10.51 21.86 -16.72
CA ARG B 448 10.09 23.26 -16.83
C ARG B 448 9.77 23.94 -15.50
N GLU B 449 9.32 23.17 -14.51
CA GLU B 449 9.16 23.67 -13.12
C GLU B 449 10.50 24.19 -12.60
N ILE B 450 11.56 23.43 -12.88
CA ILE B 450 12.91 23.84 -12.55
C ILE B 450 13.36 25.08 -13.34
N LEU B 451 13.11 25.09 -14.65
CA LEU B 451 13.38 26.26 -15.47
C LEU B 451 12.75 27.53 -14.90
N HIS B 452 11.51 27.42 -14.42
CA HIS B 452 10.83 28.54 -13.80
C HIS B 452 11.42 28.91 -12.42
N ALA B 453 11.79 27.90 -11.62
CA ALA B 453 12.47 28.13 -10.33
C ALA B 453 13.77 28.91 -10.55
N MET B 454 14.41 28.66 -11.70
CA MET B 454 15.65 29.35 -12.08
C MET B 454 15.42 30.72 -12.71
N GLY B 455 14.15 31.08 -12.93
CA GLY B 455 13.82 32.36 -13.56
C GLY B 455 13.99 32.37 -15.07
N LYS B 456 14.23 31.20 -15.66
CA LYS B 456 14.43 31.06 -17.10
C LYS B 456 13.15 31.13 -17.95
N ILE B 457 12.00 30.76 -17.37
CA ILE B 457 10.71 30.83 -18.07
C ILE B 457 9.60 31.34 -17.16
N PRO B 458 8.56 31.96 -17.73
CA PRO B 458 7.43 32.42 -16.92
C PRO B 458 6.58 31.26 -16.42
N GLU B 459 5.87 31.49 -15.31
CA GLU B 459 5.06 30.47 -14.66
C GLU B 459 4.08 29.78 -15.61
N ASP B 460 3.49 30.54 -16.53
CA ASP B 460 2.48 30.04 -17.46
C ASP B 460 3.06 29.09 -18.53
N GLU B 461 4.37 28.88 -18.49
CA GLU B 461 5.02 27.99 -19.43
C GLU B 461 5.45 26.64 -18.86
N ILE B 462 5.18 26.42 -17.56
CA ILE B 462 5.43 25.13 -16.89
C ILE B 462 4.64 23.98 -17.52
N TRP B 463 3.37 24.25 -17.82
CA TRP B 463 2.49 23.32 -18.46
C TRP B 463 2.27 23.78 -19.89
N GLN B 464 2.69 22.93 -20.83
CA GLN B 464 2.63 23.25 -22.25
C GLN B 464 1.75 22.29 -23.06
N SER B 465 0.86 22.84 -23.86
CA SER B 465 -0.02 22.06 -24.72
C SER B 465 0.82 21.43 -25.85
N GLU B 466 0.34 20.33 -26.42
CA GLU B 466 1.06 19.61 -27.49
C GLU B 466 0.27 19.61 -28.79
N PRO B 467 0.88 20.04 -29.90
CA PRO B 467 0.15 19.95 -31.18
C PRO B 467 -0.10 18.48 -31.58
N GLU B 468 -1.26 18.23 -32.16
CA GLU B 468 -1.65 16.90 -32.58
C GLU B 468 -0.69 16.38 -33.65
N SER B 469 -0.30 15.12 -33.51
CA SER B 469 0.50 14.39 -34.50
C SER B 469 -0.18 14.38 -35.86
N VAL B 470 0.57 14.66 -36.93
CA VAL B 470 -0.01 14.62 -38.28
C VAL B 470 0.00 13.17 -38.81
N ASP B 471 0.89 12.36 -38.24
CA ASP B 471 1.04 10.95 -38.58
C ASP B 471 0.01 10.04 -37.91
N VAL B 472 -0.43 10.41 -36.71
CA VAL B 472 -1.38 9.61 -35.94
C VAL B 472 -2.49 10.53 -35.46
N PRO B 473 -3.35 10.97 -36.38
CA PRO B 473 -4.41 11.89 -35.96
C PRO B 473 -5.55 11.15 -35.22
N ALA B 474 -6.26 11.89 -34.37
CA ALA B 474 -7.34 11.32 -33.58
C ALA B 474 -8.68 11.56 -34.26
N GLN B 475 -9.44 10.48 -34.41
CA GLN B 475 -10.86 10.57 -34.69
C GLN B 475 -11.60 10.78 -33.37
N PRO B 476 -12.68 11.59 -33.40
CA PRO B 476 -13.44 11.85 -32.17
C PRO B 476 -14.20 10.61 -31.69
N ILE B 477 -14.49 10.57 -30.40
CA ILE B 477 -15.25 9.46 -29.83
C ILE B 477 -16.74 9.79 -29.93
N THR B 478 -17.49 8.97 -30.67
CA THR B 478 -18.91 9.22 -30.83
C THR B 478 -19.81 8.21 -30.09
N THR B 479 -21.00 8.67 -29.71
CA THR B 479 -22.05 7.81 -29.18
C THR B 479 -23.29 7.95 -30.06
N THR B 480 -24.16 6.95 -30.03
CA THR B 480 -25.41 7.00 -30.76
C THR B 480 -26.51 7.53 -29.84
N PHE B 481 -27.65 7.88 -30.43
CA PHE B 481 -28.81 8.38 -29.70
C PHE B 481 -29.26 7.32 -28.69
N LEU B 482 -29.44 6.09 -29.16
CA LEU B 482 -29.83 4.98 -28.31
C LEU B 482 -28.83 4.66 -27.19
N GLU B 483 -27.53 4.69 -27.49
CA GLU B 483 -26.50 4.51 -26.47
C GLU B 483 -26.64 5.51 -25.31
N ARG B 484 -26.88 6.78 -25.66
CA ARG B 484 -27.07 7.87 -24.69
C ARG B 484 -28.33 7.75 -23.83
N HIS B 485 -29.43 7.27 -24.42
CA HIS B 485 -30.75 7.45 -23.81
C HIS B 485 -31.45 6.16 -23.40
N LEU B 486 -30.94 5.02 -23.85
CA LEU B 486 -31.45 3.75 -23.38
C LEU B 486 -31.31 3.65 -21.87
N PRO B 487 -32.36 3.11 -21.21
CA PRO B 487 -32.36 3.06 -19.76
C PRO B 487 -31.45 1.96 -19.20
N SER B 488 -31.10 2.10 -17.94
CA SER B 488 -30.39 1.07 -17.22
C SER B 488 -31.38 -0.04 -16.89
N VAL B 489 -30.93 -1.12 -16.25
CA VAL B 489 -31.86 -2.16 -15.79
C VAL B 489 -32.86 -1.61 -14.73
N PRO B 490 -32.36 -0.98 -13.64
CA PRO B 490 -33.27 -0.33 -12.71
C PRO B 490 -34.17 0.72 -13.37
N GLY B 491 -33.65 1.44 -14.36
CA GLY B 491 -34.44 2.45 -15.07
C GLY B 491 -35.61 1.83 -15.80
N LEU B 492 -35.34 0.71 -16.48
CA LEU B 492 -36.37 -0.04 -17.17
C LEU B 492 -37.41 -0.55 -16.18
N LEU B 493 -36.95 -1.01 -15.02
CA LEU B 493 -37.85 -1.49 -13.96
C LEU B 493 -38.75 -0.37 -13.44
N ARG B 494 -38.14 0.77 -13.08
CA ARG B 494 -38.88 1.96 -12.63
C ARG B 494 -39.93 2.34 -13.68
N LEU B 495 -39.54 2.33 -14.96
CA LEU B 495 -40.41 2.69 -16.08
C LEU B 495 -41.55 1.66 -16.24
N ILE B 496 -41.33 0.46 -15.71
CA ILE B 496 -42.40 -0.55 -15.62
C ILE B 496 -43.20 -0.31 -14.33
PA FAD C . 9.91 -0.80 15.79
O1A FAD C . 9.43 0.18 14.76
O2A FAD C . 9.57 -0.28 17.19
O5B FAD C . 11.51 -0.98 15.69
C5B FAD C . 12.18 -0.96 14.45
C4B FAD C . 13.52 -0.28 14.59
O4B FAD C . 14.23 -0.39 13.36
C3B FAD C . 13.37 1.20 14.88
O3B FAD C . 14.16 1.54 16.01
C2B FAD C . 13.85 1.89 13.61
O2B FAD C . 14.50 3.09 13.91
C1B FAD C . 14.80 0.86 13.03
N9A FAD C . 14.98 0.92 11.57
C8A FAD C . 14.06 1.18 10.59
N7A FAD C . 14.67 1.14 9.38
C5A FAD C . 15.98 0.83 9.57
C6A FAD C . 17.05 0.66 8.68
N6A FAD C . 16.93 0.88 7.37
N1A FAD C . 18.31 0.35 9.20
C2A FAD C . 18.47 0.22 10.58
N3A FAD C . 17.41 0.40 11.45
C4A FAD C . 16.18 0.69 10.95
N1 FAD C . 2.01 -1.42 21.63
C2 FAD C . 1.69 -1.89 22.90
O2 FAD C . 2.04 -3.01 23.25
N3 FAD C . 0.97 -1.10 23.79
C4 FAD C . 0.57 0.15 23.41
O4 FAD C . -0.05 0.85 24.20
C4X FAD C . 0.87 0.64 22.14
N5 FAD C . 0.44 1.90 21.75
C5X FAD C . 0.92 2.47 20.59
C6 FAD C . 0.78 3.84 20.38
C7 FAD C . 1.61 4.52 19.47
C7M FAD C . 1.41 5.98 19.26
C8 FAD C . 2.60 3.81 18.79
C8M FAD C . 3.51 4.47 17.79
C9 FAD C . 2.73 2.45 19.00
C9A FAD C . 1.90 1.76 19.89
N10 FAD C . 1.93 0.37 20.00
C10 FAD C . 1.60 -0.15 21.24
C1' FAD C . 2.82 -0.42 19.09
C2' FAD C . 4.23 -0.73 19.63
O2' FAD C . 4.93 0.46 20.00
C3' FAD C . 4.99 -1.50 18.56
O3' FAD C . 4.27 -2.66 18.21
C4' FAD C . 6.39 -1.97 18.92
O4' FAD C . 7.17 -0.99 19.60
C5' FAD C . 7.09 -2.32 17.61
O5' FAD C . 8.26 -3.09 17.90
P FAD C . 9.25 -3.56 16.73
O1P FAD C . 10.57 -3.76 17.38
O2P FAD C . 8.71 -4.78 15.98
O3P FAD C . 9.37 -2.46 15.75
CB PYJ D . -2.04 0.85 20.99
CX PYJ D . -1.03 1.83 21.57
CG PYJ D . -3.48 1.00 21.43
CD1 PYJ D . -4.43 0.15 20.85
CD2 PYJ D . -3.88 1.91 22.40
CE1 PYJ D . -5.78 0.22 21.21
CE2 PYJ D . -5.24 1.98 22.76
CZ PYJ D . -6.18 1.15 22.18
PA FAD E . 10.12 4.00 -15.25
O1A FAD E . 9.83 2.98 -14.22
O2A FAD E . 10.05 3.47 -16.69
O5B FAD E . 11.61 4.55 -15.03
C5B FAD E . 12.13 4.83 -13.76
C4B FAD E . 13.62 4.52 -13.78
O4B FAD E . 14.13 4.78 -12.50
C3B FAD E . 13.94 3.07 -14.11
O3B FAD E . 14.89 2.99 -15.16
C2B FAD E . 14.51 2.54 -12.81
O2B FAD E . 15.49 1.58 -13.01
C1B FAD E . 15.09 3.79 -12.19
N9A FAD E . 15.22 3.78 -10.72
C8A FAD E . 14.36 3.26 -9.78
N7A FAD E . 14.86 3.49 -8.55
C5A FAD E . 16.03 4.17 -8.68
C6A FAD E . 16.95 4.67 -7.75
N6A FAD E . 16.83 4.46 -6.42
N1A FAD E . 18.06 5.34 -8.24
C2A FAD E . 18.28 5.52 -9.60
N3A FAD E . 17.37 5.02 -10.51
C4A FAD E . 16.27 4.37 -10.05
N1 FAD E . 2.74 2.20 -21.61
C2 FAD E . 2.39 2.57 -22.88
O2 FAD E . 2.44 3.76 -23.17
N3 FAD E . 1.99 1.62 -23.80
C4 FAD E . 1.97 0.29 -23.44
O4 FAD E . 1.66 -0.58 -24.25
C4X FAD E . 2.30 -0.08 -22.14
N5 FAD E . 2.26 -1.42 -21.75
C5X FAD E . 2.85 -1.81 -20.57
C6 FAD E . 3.07 -3.17 -20.34
C7 FAD E . 4.00 -3.58 -19.40
C7M FAD E . 4.20 -5.05 -19.17
C8 FAD E . 4.73 -2.61 -18.67
C8M FAD E . 5.75 -3.00 -17.62
C9 FAD E . 4.50 -1.25 -18.91
C9A FAD E . 3.56 -0.84 -19.86
N10 FAD E . 3.11 0.48 -19.97
C10 FAD E . 2.71 0.88 -21.24
C1' FAD E . 3.70 1.52 -19.05
C2' FAD E . 4.95 2.29 -19.52
O2' FAD E . 6.02 1.41 -19.80
C3' FAD E . 5.36 3.25 -18.38
O3' FAD E . 4.29 4.13 -18.05
C4' FAD E . 6.62 4.08 -18.62
O4' FAD E . 7.68 3.29 -19.11
C5' FAD E . 7.03 4.70 -17.28
O5' FAD E . 7.96 5.73 -17.49
P FAD E . 8.76 6.43 -16.27
O1P FAD E . 9.97 7.07 -16.79
O2P FAD E . 7.79 7.38 -15.55
O3P FAD E . 9.16 5.37 -15.35
CB PYJ F . -0.43 -1.11 -21.17
CX PYJ F . 0.84 -1.79 -21.62
CG PYJ F . -1.73 -1.67 -21.71
CD1 PYJ F . -2.93 -1.16 -21.20
CD2 PYJ F . -1.79 -2.65 -22.70
CE1 PYJ F . -4.17 -1.62 -21.64
CE2 PYJ F . -3.01 -3.12 -23.15
CZ PYJ F . -4.21 -2.61 -22.63
#